data_6ZBV
#
_entry.id   6ZBV
#
_cell.length_a   65.170
_cell.length_b   58.140
_cell.length_c   122.310
_cell.angle_alpha   90.000
_cell.angle_beta   100.380
_cell.angle_gamma   90.000
#
_symmetry.space_group_name_H-M   'P 1 21 1'
#
loop_
_entity.id
_entity.type
_entity.pdbx_description
1 polymer 'Sodium- and chloride-dependent glycine transporter 1,Sodium- and chloride-dependent glycine transporter 1'
2 polymer 'Sybody Sb_GlyT1#7'
3 non-polymer [5-fluoranyl-6-(oxan-4-yloxy)-1,3-dihydroisoindol-2-yl]-[5-methylsulfonyl-2-[2,2,3,3,3-pentakis(fluoranyl)propoxy]phenyl]methanone
#
loop_
_entity_poly.entity_id
_entity_poly.type
_entity_poly.pdbx_seq_one_letter_code
_entity_poly.pdbx_strand_id
1 'polypeptide(L)'
;ATKRDQNLKRGNWGNQIEFVLTSVGYAVGLGNVWRFPYLCYRNGGGAFMFPYFIMLIFCGIPAFFMELSFGQFASQGCLG
VWRISPMFKGVGYGMMVVSTYIGIYYNVVICIAFYYFFSSMTHVLPWAYCNNPWNTHDCAGVLDASNLTHSLQRTSPSEE
YWRLYVLKLSDDIGNFGEVRLPLLGCLGVAWLVVFLCLIRGVKSSGKVVYFTATFPYVVLTILFVRGVTLEGAFDGIMYY
LTPQWDKILEAKVWGDAASQAFYSLGCAWGGLITMASYNKFHNNCYRDSVIISITNCATSVYAGFVIFSILGFMANHLGV
DVSRVADHGPGLAFVAYPEALTLLPISPLWSLLFFFMLILLGLGTQFCLLETLVTAIVDEVGNEWILQKKTYVTLGVAVA
GFLLGIPLTSQAGIYWLLLMDNYAASFSLVVISCIMCVAIMYIYGHRNYFQDIQMMLGFPPPLFFQICWRFVSPAIIFFI
LVFTVIQYQPITYNHYQYPGWAVAIGFLMALSSVLCIPLYAMFRLARTDGDTLLQRLKNATKPSRDWGPALLEHRTGRYA
PTIAPSPEDGFEVQPLH
;
A
2 'polypeptide(L)'
;QVQLVESGGGLVQAGGSLRLSCAASGFPVYAYEMYWYRQAPGKEREWVAAISSSGTWAGYADSVKGRFTISRDNAKNTVY
LQMNSLKPEDTAVYYCNVKDWGASWAYYDYWGQGTQVTVS
;
B
#
# COMPACT_ATOMS: atom_id res chain seq x y z
N ARG A 10 23.95 -8.37 14.42
CA ARG A 10 25.35 -8.39 14.85
C ARG A 10 26.09 -7.20 14.23
N GLY A 11 26.80 -6.43 15.06
CA GLY A 11 27.45 -5.17 14.71
C GLY A 11 28.48 -5.23 13.59
N ASN A 12 28.46 -4.20 12.70
CA ASN A 12 29.33 -4.14 11.53
C ASN A 12 29.77 -2.70 11.17
N TRP A 13 30.40 -2.02 12.17
CA TRP A 13 31.10 -0.72 12.09
C TRP A 13 30.38 0.35 11.21
N GLY A 14 29.06 0.41 11.33
CA GLY A 14 28.20 1.35 10.61
C GLY A 14 28.13 1.20 9.10
N ASN A 15 28.82 0.20 8.55
CA ASN A 15 28.89 0.01 7.11
C ASN A 15 27.78 -0.92 6.60
N GLN A 16 27.67 -2.15 7.13
CA GLN A 16 26.62 -3.09 6.70
C GLN A 16 25.21 -2.59 7.05
N ILE A 17 25.06 -1.80 8.12
CA ILE A 17 23.75 -1.27 8.47
C ILE A 17 23.25 -0.27 7.39
N GLU A 18 24.14 0.35 6.63
CA GLU A 18 23.71 1.18 5.49
C GLU A 18 23.28 0.29 4.29
N PHE A 19 23.79 -0.94 4.21
CA PHE A 19 23.36 -1.91 3.20
C PHE A 19 21.96 -2.45 3.60
N VAL A 20 21.68 -2.59 4.91
CA VAL A 20 20.37 -3.00 5.39
C VAL A 20 19.37 -1.88 5.07
N LEU A 21 19.64 -0.64 5.49
CA LEU A 21 18.71 0.47 5.21
C LEU A 21 18.52 0.76 3.71
N THR A 22 19.56 0.62 2.86
CA THR A 22 19.35 0.75 1.41
C THR A 22 18.41 -0.36 0.91
N SER A 23 18.48 -1.57 1.49
CA SER A 23 17.61 -2.69 1.12
C SER A 23 16.18 -2.42 1.57
N VAL A 24 16.02 -1.93 2.79
CA VAL A 24 14.70 -1.65 3.37
C VAL A 24 13.92 -0.65 2.50
N GLY A 25 14.60 0.34 1.94
CA GLY A 25 14.00 1.32 1.04
C GLY A 25 13.44 0.75 -0.26
N TYR A 26 13.76 -0.51 -0.60
CA TYR A 26 13.21 -1.18 -1.77
C TYR A 26 11.93 -1.96 -1.44
N ALA A 27 11.81 -2.41 -0.20
CA ALA A 27 10.70 -3.23 0.31
C ALA A 27 9.39 -2.46 0.53
N VAL A 28 9.49 -1.21 0.99
CA VAL A 28 8.36 -0.31 1.18
C VAL A 28 8.09 0.45 -0.12
N GLY A 29 6.82 0.50 -0.51
CA GLY A 29 6.37 1.16 -1.73
C GLY A 29 4.87 1.28 -1.77
N LEU A 30 4.34 1.94 -2.80
CA LEU A 30 2.88 2.02 -2.95
C LEU A 30 2.22 0.65 -3.18
N GLY A 31 3.00 -0.34 -3.60
CA GLY A 31 2.51 -1.71 -3.72
C GLY A 31 2.01 -2.29 -2.41
N ASN A 32 2.39 -1.68 -1.27
CA ASN A 32 1.95 -2.16 0.03
C ASN A 32 1.37 -1.06 0.94
N VAL A 33 1.81 0.19 0.80
CA VAL A 33 1.18 1.30 1.53
C VAL A 33 -0.19 1.64 0.87
N TRP A 34 -0.29 1.56 -0.47
CA TRP A 34 -1.51 1.85 -1.23
C TRP A 34 -2.27 0.57 -1.63
N ARG A 35 -1.60 -0.28 -2.39
CA ARG A 35 -2.24 -1.48 -2.97
C ARG A 35 -2.64 -2.70 -1.98
N PHE A 36 -1.83 -3.16 -0.96
CA PHE A 36 -2.16 -4.28 -0.14
C PHE A 36 -3.46 -4.09 0.66
N PRO A 37 -3.67 -2.95 1.35
CA PRO A 37 -4.90 -2.79 2.14
C PRO A 37 -6.21 -2.88 1.37
N TYR A 38 -6.22 -2.42 0.11
CA TYR A 38 -7.45 -2.37 -0.67
C TYR A 38 -7.85 -3.77 -1.14
N LEU A 39 -6.87 -4.54 -1.61
CA LEU A 39 -7.11 -5.93 -2.00
C LEU A 39 -7.50 -6.74 -0.77
N CYS A 40 -6.78 -6.54 0.32
CA CYS A 40 -7.06 -7.19 1.58
C CYS A 40 -8.48 -6.96 2.07
N TYR A 41 -9.01 -5.76 1.89
CA TYR A 41 -10.39 -5.45 2.24
C TYR A 41 -11.37 -6.07 1.23
N ARG A 42 -11.10 -5.92 -0.08
CA ARG A 42 -11.95 -6.49 -1.13
C ARG A 42 -12.16 -7.99 -0.96
N ASN A 43 -11.12 -8.69 -0.49
CA ASN A 43 -11.16 -10.12 -0.19
C ASN A 43 -11.61 -10.44 1.25
N GLY A 44 -11.55 -9.45 2.14
CA GLY A 44 -11.97 -9.55 3.54
C GLY A 44 -10.87 -10.18 4.35
N GLY A 45 -10.15 -9.36 5.11
CA GLY A 45 -8.88 -9.70 5.76
C GLY A 45 -8.65 -11.12 6.24
N GLY A 46 -9.57 -11.66 7.04
CA GLY A 46 -9.47 -13.04 7.50
C GLY A 46 -9.24 -14.08 6.41
N ALA A 47 -9.79 -13.83 5.23
CA ALA A 47 -9.69 -14.71 4.07
C ALA A 47 -8.41 -14.50 3.29
N PHE A 48 -7.84 -13.31 3.33
CA PHE A 48 -6.68 -12.96 2.51
C PHE A 48 -5.33 -13.36 3.09
N MET A 49 -5.17 -13.27 4.39
CA MET A 49 -3.89 -13.48 5.04
C MET A 49 -3.27 -14.87 4.88
N PHE A 50 -4.09 -15.94 4.93
CA PHE A 50 -3.52 -17.29 4.74
C PHE A 50 -3.07 -17.49 3.25
N PRO A 51 -3.93 -17.29 2.24
CA PRO A 51 -3.47 -17.33 0.84
C PRO A 51 -2.27 -16.43 0.55
N TYR A 52 -2.25 -15.19 1.09
CA TYR A 52 -1.13 -14.27 0.88
C TYR A 52 0.19 -14.86 1.39
N PHE A 53 0.18 -15.43 2.58
CA PHE A 53 1.38 -16.04 3.15
C PHE A 53 1.78 -17.31 2.40
N ILE A 54 0.80 -18.15 2.04
CA ILE A 54 1.07 -19.37 1.27
C ILE A 54 1.73 -19.02 -0.07
N MET A 55 1.14 -18.11 -0.82
CA MET A 55 1.70 -17.73 -2.11
C MET A 55 3.02 -17.00 -2.02
N LEU A 56 3.26 -16.26 -0.96
CA LEU A 56 4.50 -15.53 -0.81
C LEU A 56 5.64 -16.48 -0.43
N ILE A 57 5.35 -17.42 0.48
CA ILE A 57 6.32 -18.42 0.92
C ILE A 57 6.62 -19.43 -0.20
N PHE A 58 5.59 -20.06 -0.74
CA PHE A 58 5.73 -21.14 -1.71
C PHE A 58 5.92 -20.72 -3.17
N CYS A 59 5.55 -19.52 -3.57
CA CYS A 59 5.71 -19.08 -4.99
C CYS A 59 6.49 -17.78 -5.19
N GLY A 60 6.12 -16.76 -4.46
CA GLY A 60 6.66 -15.44 -4.63
C GLY A 60 8.13 -15.29 -4.36
N ILE A 61 8.58 -15.70 -3.19
CA ILE A 61 10.00 -15.60 -2.83
C ILE A 61 10.88 -16.44 -3.80
N PRO A 62 10.51 -17.70 -4.10
CA PRO A 62 11.25 -18.46 -5.13
C PRO A 62 11.37 -17.73 -6.48
N ALA A 63 10.28 -17.16 -7.00
CA ALA A 63 10.31 -16.47 -8.30
C ALA A 63 11.05 -15.14 -8.25
N PHE A 64 11.06 -14.48 -7.08
CA PHE A 64 11.84 -13.25 -6.83
C PHE A 64 13.35 -13.59 -6.88
N PHE A 65 13.76 -14.62 -6.13
CA PHE A 65 15.15 -15.08 -6.15
C PHE A 65 15.57 -15.58 -7.54
N MET A 66 14.69 -16.29 -8.24
CA MET A 66 14.95 -16.76 -9.60
C MET A 66 15.20 -15.57 -10.54
N GLU A 67 14.29 -14.58 -10.57
CA GLU A 67 14.47 -13.40 -11.43
C GLU A 67 15.74 -12.61 -11.10
N LEU A 68 16.13 -12.54 -9.82
CA LEU A 68 17.38 -11.86 -9.46
C LEU A 68 18.61 -12.64 -10.00
N SER A 69 18.65 -13.96 -9.74
CA SER A 69 19.77 -14.82 -10.13
C SER A 69 19.96 -14.88 -11.63
N PHE A 70 18.88 -15.12 -12.33
CA PHE A 70 18.82 -15.26 -13.79
C PHE A 70 19.42 -14.06 -14.53
N GLY A 71 19.16 -12.87 -14.02
CA GLY A 71 19.71 -11.64 -14.56
C GLY A 71 21.14 -11.39 -14.15
N GLN A 72 21.47 -11.65 -12.89
CA GLN A 72 22.83 -11.43 -12.36
C GLN A 72 23.84 -12.35 -13.03
N PHE A 73 23.49 -13.63 -13.20
CA PHE A 73 24.36 -14.62 -13.80
C PHE A 73 24.81 -14.24 -15.22
N ALA A 74 23.86 -14.08 -16.13
CA ALA A 74 24.16 -13.75 -17.51
C ALA A 74 24.54 -12.28 -17.73
N SER A 75 24.08 -11.38 -16.85
CA SER A 75 24.30 -9.93 -16.93
C SER A 75 23.75 -9.36 -18.24
N GLN A 76 22.45 -9.61 -18.47
CA GLN A 76 21.65 -9.10 -19.59
C GLN A 76 20.23 -8.72 -19.12
N GLY A 77 19.61 -7.74 -19.79
CA GLY A 77 18.27 -7.23 -19.48
C GLY A 77 17.14 -8.21 -19.72
N CYS A 78 15.92 -7.88 -19.29
CA CYS A 78 14.75 -8.80 -19.35
C CYS A 78 14.44 -9.41 -20.74
N LEU A 79 14.92 -8.77 -21.81
CA LEU A 79 14.82 -9.33 -23.15
C LEU A 79 16.08 -10.22 -23.45
N GLY A 80 17.26 -9.61 -23.43
CA GLY A 80 18.52 -10.30 -23.77
C GLY A 80 18.97 -11.44 -22.87
N VAL A 81 18.31 -11.62 -21.74
CA VAL A 81 18.54 -12.77 -20.87
C VAL A 81 17.90 -14.05 -21.50
N TRP A 82 16.91 -13.88 -22.41
CA TRP A 82 16.29 -14.95 -23.19
C TRP A 82 17.18 -15.32 -24.36
N ARG A 83 18.29 -15.82 -23.96
CA ARG A 83 19.42 -16.32 -24.70
C ARG A 83 19.74 -17.80 -24.20
N ILE A 84 19.05 -18.25 -23.12
CA ILE A 84 18.91 -19.62 -22.63
C ILE A 84 18.04 -20.39 -23.64
N SER A 85 16.98 -19.77 -24.14
CA SER A 85 16.05 -20.37 -25.10
C SER A 85 15.42 -19.24 -25.89
N PRO A 86 16.05 -18.84 -27.02
CA PRO A 86 15.59 -17.65 -27.77
C PRO A 86 14.11 -17.60 -28.12
N MET A 87 13.47 -18.77 -28.28
CA MET A 87 12.03 -18.89 -28.52
C MET A 87 11.17 -18.19 -27.44
N PHE A 88 11.63 -18.21 -26.19
CA PHE A 88 10.87 -17.65 -25.07
C PHE A 88 11.12 -16.15 -24.83
N LYS A 89 11.79 -15.44 -25.75
CA LYS A 89 11.98 -13.98 -25.61
C LYS A 89 10.62 -13.24 -25.48
N GLY A 90 9.53 -13.88 -25.88
CA GLY A 90 8.17 -13.37 -25.69
C GLY A 90 7.75 -13.23 -24.23
N VAL A 91 8.46 -13.90 -23.31
CA VAL A 91 8.29 -13.74 -21.86
C VAL A 91 8.79 -12.33 -21.48
N GLY A 92 9.95 -11.94 -22.03
CA GLY A 92 10.55 -10.62 -21.82
C GLY A 92 9.69 -9.50 -22.42
N TYR A 93 9.19 -9.69 -23.65
CA TYR A 93 8.28 -8.72 -24.27
C TYR A 93 6.99 -8.63 -23.44
N GLY A 94 6.49 -9.76 -22.94
CA GLY A 94 5.36 -9.78 -22.01
C GLY A 94 5.61 -8.96 -20.76
N MET A 95 6.81 -9.05 -20.18
CA MET A 95 7.19 -8.22 -19.02
C MET A 95 7.24 -6.74 -19.36
N MET A 96 7.53 -6.38 -20.62
CA MET A 96 7.49 -4.97 -21.03
C MET A 96 6.05 -4.51 -21.25
N VAL A 97 5.15 -5.41 -21.66
CA VAL A 97 3.72 -5.09 -21.76
C VAL A 97 3.16 -4.88 -20.34
N VAL A 98 3.60 -5.68 -19.36
CA VAL A 98 3.19 -5.48 -17.95
C VAL A 98 3.74 -4.12 -17.48
N SER A 99 5.05 -3.87 -17.62
CA SER A 99 5.68 -2.61 -17.21
C SER A 99 5.04 -1.37 -17.84
N THR A 100 4.56 -1.46 -19.08
CA THR A 100 3.89 -0.34 -19.76
C THR A 100 2.44 -0.19 -19.29
N TYR A 101 1.80 -1.25 -18.78
CA TYR A 101 0.48 -1.09 -18.15
C TYR A 101 0.70 -0.41 -16.76
N ILE A 102 1.78 -0.77 -16.03
CA ILE A 102 2.04 -0.15 -14.73
C ILE A 102 2.32 1.36 -14.86
N GLY A 103 3.29 1.74 -15.67
CA GLY A 103 3.73 3.12 -15.78
C GLY A 103 2.65 4.15 -16.01
N ILE A 104 1.63 3.82 -16.79
CA ILE A 104 0.54 4.75 -17.11
C ILE A 104 -0.42 5.00 -15.93
N TYR A 105 -0.72 3.95 -15.17
CA TYR A 105 -1.70 4.08 -14.09
C TYR A 105 -1.05 4.41 -12.74
N TYR A 106 0.16 3.94 -12.52
CA TYR A 106 0.88 4.23 -11.28
C TYR A 106 1.26 5.73 -11.19
N ASN A 107 1.21 6.49 -12.30
CA ASN A 107 1.36 7.95 -12.24
C ASN A 107 0.06 8.66 -11.84
N VAL A 108 -1.12 8.05 -12.04
CA VAL A 108 -2.37 8.67 -11.57
C VAL A 108 -2.60 8.37 -10.08
N VAL A 109 -2.02 7.30 -9.56
CA VAL A 109 -1.94 7.07 -8.12
C VAL A 109 -1.09 8.20 -7.50
N ILE A 110 -0.04 8.63 -8.21
CA ILE A 110 0.79 9.76 -7.81
C ILE A 110 0.04 11.09 -8.06
N CYS A 111 -0.83 11.24 -9.08
CA CYS A 111 -1.66 12.46 -9.23
C CYS A 111 -2.47 12.71 -8.00
N ILE A 112 -3.16 11.66 -7.54
CA ILE A 112 -4.02 11.74 -6.37
C ILE A 112 -3.19 12.09 -5.13
N ALA A 113 -1.99 11.52 -4.98
CA ALA A 113 -1.09 11.86 -3.89
C ALA A 113 -0.68 13.35 -3.97
N PHE A 114 -0.30 13.86 -5.16
CA PHE A 114 0.04 15.28 -5.37
C PHE A 114 -1.17 16.19 -5.13
N TYR A 115 -2.37 15.76 -5.49
CA TYR A 115 -3.58 16.52 -5.25
C TYR A 115 -3.86 16.64 -3.74
N TYR A 116 -3.81 15.53 -3.00
CA TYR A 116 -4.02 15.58 -1.55
C TYR A 116 -2.85 16.30 -0.83
N PHE A 117 -1.63 16.24 -1.39
CA PHE A 117 -0.49 16.99 -0.84
C PHE A 117 -0.72 18.50 -1.02
N PHE A 118 -1.08 18.95 -2.23
CA PHE A 118 -1.38 20.36 -2.49
C PHE A 118 -2.63 20.83 -1.73
N SER A 119 -3.66 20.02 -1.73
CA SER A 119 -4.91 20.27 -1.00
C SER A 119 -4.68 20.44 0.52
N SER A 120 -3.61 19.83 1.06
CA SER A 120 -3.26 19.97 2.48
C SER A 120 -2.68 21.35 2.82
N MET A 121 -2.39 22.18 1.81
CA MET A 121 -1.88 23.52 2.01
C MET A 121 -3.05 24.51 2.24
N THR A 122 -3.70 24.39 3.42
CA THR A 122 -4.82 25.24 3.88
C THR A 122 -4.80 25.38 5.42
N HIS A 123 -5.71 26.18 5.99
CA HIS A 123 -5.90 26.27 7.43
C HIS A 123 -6.68 25.08 7.99
N VAL A 124 -7.62 24.53 7.21
CA VAL A 124 -8.52 23.44 7.63
C VAL A 124 -8.56 22.39 6.52
N LEU A 125 -8.45 21.11 6.88
CA LEU A 125 -8.51 20.04 5.89
C LEU A 125 -9.93 19.92 5.38
N PRO A 126 -10.13 19.92 4.05
CA PRO A 126 -11.50 19.99 3.52
C PRO A 126 -12.36 18.79 3.84
N TRP A 127 -11.73 17.63 3.88
CA TRP A 127 -12.36 16.34 4.16
C TRP A 127 -12.73 16.08 5.63
N ALA A 128 -12.65 17.09 6.49
CA ALA A 128 -12.96 16.95 7.92
C ALA A 128 -14.44 17.07 8.29
N TYR A 129 -15.20 17.84 7.49
CA TYR A 129 -16.57 18.22 7.81
C TYR A 129 -17.55 17.99 6.68
N CYS A 130 -18.85 18.10 7.02
CA CYS A 130 -19.98 18.02 6.10
C CYS A 130 -20.55 19.41 5.66
N ASN A 131 -19.97 20.49 6.16
CA ASN A 131 -20.41 21.86 5.88
C ASN A 131 -19.96 22.40 4.48
N ASN A 132 -19.38 21.54 3.62
CA ASN A 132 -18.85 21.93 2.32
C ASN A 132 -19.85 21.70 1.18
N PRO A 133 -19.70 22.38 0.02
CA PRO A 133 -20.67 22.23 -1.08
C PRO A 133 -20.75 20.87 -1.80
N TRP A 134 -19.71 20.05 -1.73
CA TRP A 134 -19.75 18.72 -2.35
C TRP A 134 -20.53 17.69 -1.51
N ASN A 135 -20.75 17.96 -0.22
CA ASN A 135 -21.37 17.02 0.71
C ASN A 135 -22.86 16.74 0.50
N THR A 136 -23.29 15.49 0.76
CA THR A 136 -24.70 15.08 0.68
C THR A 136 -25.39 15.27 2.06
N HIS A 137 -26.69 14.95 2.18
CA HIS A 137 -27.37 14.97 3.47
C HIS A 137 -26.99 13.76 4.37
N ASP A 138 -26.35 12.72 3.80
CA ASP A 138 -25.91 11.51 4.54
C ASP A 138 -24.61 11.67 5.31
N CYS A 139 -23.90 12.75 5.09
CA CYS A 139 -22.60 12.98 5.68
C CYS A 139 -22.67 12.99 7.23
N ALA A 140 -22.05 11.98 7.84
CA ALA A 140 -22.05 11.71 9.29
C ALA A 140 -21.28 12.72 10.15
N GLY A 141 -20.04 13.01 9.76
CA GLY A 141 -19.18 13.98 10.44
C GLY A 141 -18.54 13.51 11.74
N VAL A 142 -17.22 13.32 11.70
CA VAL A 142 -16.46 12.90 12.89
C VAL A 142 -16.32 14.02 13.93
N LEU A 143 -16.28 15.27 13.49
CA LEU A 143 -16.12 16.42 14.37
C LEU A 143 -17.41 17.23 14.55
N ASP A 144 -18.25 17.26 13.50
CA ASP A 144 -19.50 18.04 13.45
C ASP A 144 -20.39 17.89 14.69
N LEU A 148 -31.49 15.45 16.83
CA LEU A 148 -31.87 15.29 15.42
C LEU A 148 -31.56 13.89 14.91
N THR A 149 -32.28 13.48 13.85
CA THR A 149 -32.03 12.23 13.13
C THR A 149 -32.11 12.56 11.64
N HIS A 150 -31.08 12.16 10.88
CA HIS A 150 -30.97 12.48 9.46
C HIS A 150 -31.13 11.29 8.49
N SER A 151 -30.20 10.32 8.53
CA SER A 151 -30.02 9.36 7.46
C SER A 151 -29.97 7.85 7.77
N LEU A 152 -30.54 7.09 6.81
CA LEU A 152 -30.55 5.63 6.76
C LEU A 152 -29.28 5.06 6.12
N GLN A 153 -28.52 5.86 5.38
CA GLN A 153 -27.35 5.38 4.66
C GLN A 153 -26.20 6.38 4.72
N ARG A 154 -25.69 6.58 5.97
CA ARG A 154 -24.61 7.52 6.34
C ARG A 154 -23.27 7.29 5.62
N THR A 155 -22.52 8.38 5.45
CA THR A 155 -21.23 8.40 4.74
C THR A 155 -20.19 9.22 5.49
N SER A 156 -18.91 8.98 5.21
CA SER A 156 -17.83 9.73 5.84
C SER A 156 -17.56 11.00 5.01
N PRO A 157 -17.29 12.16 5.63
CA PRO A 157 -16.93 13.36 4.85
C PRO A 157 -15.71 13.15 3.96
N SER A 158 -14.84 12.16 4.27
CA SER A 158 -13.69 11.78 3.45
C SER A 158 -14.07 10.91 2.25
N GLU A 159 -15.16 10.14 2.33
CA GLU A 159 -15.65 9.33 1.20
C GLU A 159 -16.27 10.26 0.17
N GLU A 160 -16.98 11.28 0.63
CA GLU A 160 -17.60 12.29 -0.23
C GLU A 160 -16.58 13.26 -0.85
N TYR A 161 -15.51 13.60 -0.13
CA TYR A 161 -14.45 14.46 -0.68
C TYR A 161 -13.78 13.76 -1.86
N TRP A 162 -13.41 12.50 -1.66
CA TRP A 162 -12.84 11.63 -2.70
C TRP A 162 -13.82 11.45 -3.89
N ARG A 163 -15.02 10.95 -3.61
CA ARG A 163 -16.02 10.60 -4.61
C ARG A 163 -16.78 11.75 -5.27
N LEU A 164 -16.81 12.94 -4.67
CA LEU A 164 -17.59 14.08 -5.17
C LEU A 164 -16.82 15.41 -5.30
N TYR A 165 -15.56 15.48 -4.87
CA TYR A 165 -14.77 16.69 -5.09
C TYR A 165 -13.49 16.38 -5.85
N VAL A 166 -12.68 15.44 -5.35
CA VAL A 166 -11.43 15.06 -6.01
C VAL A 166 -11.74 14.54 -7.41
N LEU A 167 -12.62 13.58 -7.47
CA LEU A 167 -12.95 12.80 -8.65
C LEU A 167 -14.46 12.79 -8.76
N LYS A 168 -15.06 13.60 -9.66
CA LYS A 168 -16.53 13.76 -9.71
C LYS A 168 -17.21 12.57 -10.40
N LEU A 169 -16.94 11.42 -9.84
CA LEU A 169 -17.19 10.09 -10.33
C LEU A 169 -18.53 9.93 -11.06
N SER A 170 -18.46 9.56 -12.35
CA SER A 170 -19.64 9.28 -13.16
C SER A 170 -20.30 7.97 -12.71
N ASP A 171 -21.48 7.66 -13.23
CA ASP A 171 -22.17 6.40 -12.87
C ASP A 171 -21.72 5.20 -13.72
N ASP A 172 -20.81 5.40 -14.71
CA ASP A 172 -20.42 4.34 -15.62
C ASP A 172 -19.11 4.61 -16.32
N ILE A 173 -18.45 3.54 -16.76
CA ILE A 173 -17.21 3.58 -17.57
C ILE A 173 -17.42 4.39 -18.87
N GLY A 174 -18.59 4.28 -19.48
CA GLY A 174 -18.92 4.95 -20.74
C GLY A 174 -19.03 6.45 -20.63
N ASN A 175 -19.34 6.97 -19.42
CA ASN A 175 -19.48 8.40 -19.17
C ASN A 175 -18.14 8.96 -18.75
N PHE A 176 -17.26 9.16 -19.72
CA PHE A 176 -15.97 9.80 -19.50
C PHE A 176 -16.12 11.22 -18.98
N GLY A 177 -17.25 11.88 -19.29
CA GLY A 177 -17.50 13.24 -18.84
C GLY A 177 -16.43 14.20 -19.28
N GLU A 178 -15.88 14.96 -18.33
CA GLU A 178 -14.82 15.91 -18.62
C GLU A 178 -13.59 15.62 -17.79
N VAL A 179 -12.39 15.91 -18.34
CA VAL A 179 -11.14 15.66 -17.65
C VAL A 179 -10.94 16.60 -16.47
N ARG A 180 -10.42 16.05 -15.38
CA ARG A 180 -10.20 16.78 -14.13
C ARG A 180 -8.93 17.58 -14.24
N LEU A 181 -9.05 18.82 -14.68
CA LEU A 181 -7.90 19.69 -14.92
C LEU A 181 -6.89 19.78 -13.74
N PRO A 182 -7.32 19.88 -12.46
CA PRO A 182 -6.35 19.85 -11.36
C PRO A 182 -5.54 18.54 -11.29
N LEU A 183 -6.20 17.37 -11.47
CA LEU A 183 -5.52 16.07 -11.47
C LEU A 183 -4.61 15.93 -12.69
N LEU A 184 -5.02 16.49 -13.82
CA LEU A 184 -4.22 16.50 -15.03
C LEU A 184 -2.98 17.40 -14.87
N GLY A 185 -3.10 18.50 -14.12
CA GLY A 185 -1.97 19.35 -13.78
C GLY A 185 -0.94 18.56 -12.98
N CYS A 186 -1.43 17.75 -12.02
CA CYS A 186 -0.63 16.83 -11.18
C CYS A 186 0.00 15.71 -12.01
N LEU A 187 -0.67 15.25 -13.07
CA LEU A 187 -0.11 14.27 -14.01
C LEU A 187 1.08 14.88 -14.74
N GLY A 188 0.97 16.16 -15.09
CA GLY A 188 2.05 16.90 -15.71
C GLY A 188 3.24 17.01 -14.78
N VAL A 189 3.00 17.44 -13.54
CA VAL A 189 4.08 17.53 -12.54
C VAL A 189 4.69 16.16 -12.28
N ALA A 190 3.87 15.13 -12.12
CA ALA A 190 4.33 13.76 -11.85
C ALA A 190 5.28 13.27 -12.95
N TRP A 191 4.89 13.44 -14.22
CA TRP A 191 5.73 13.03 -15.34
C TRP A 191 6.97 13.94 -15.53
N LEU A 192 6.90 15.22 -15.13
CA LEU A 192 8.09 16.07 -15.17
C LEU A 192 9.10 15.61 -14.12
N VAL A 193 8.69 15.46 -12.86
CA VAL A 193 9.62 15.09 -11.77
C VAL A 193 10.32 13.75 -12.07
N VAL A 194 9.58 12.82 -12.64
CA VAL A 194 10.07 11.52 -13.10
C VAL A 194 11.14 11.74 -14.20
N PHE A 195 10.78 12.43 -15.28
CA PHE A 195 11.66 12.62 -16.43
C PHE A 195 12.94 13.38 -16.07
N LEU A 196 12.79 14.46 -15.32
CA LEU A 196 13.90 15.27 -14.86
C LEU A 196 14.87 14.45 -14.00
N CYS A 197 14.35 13.59 -13.12
CA CYS A 197 15.20 12.71 -12.32
C CYS A 197 15.96 11.72 -13.19
N LEU A 198 15.38 11.25 -14.31
CA LEU A 198 16.07 10.35 -15.23
C LEU A 198 17.27 11.00 -15.98
N ILE A 199 17.49 12.31 -15.76
CA ILE A 199 18.67 13.07 -16.22
C ILE A 199 19.70 13.13 -15.05
N ARG A 200 19.22 13.36 -13.82
CA ARG A 200 20.05 13.38 -12.60
C ARG A 200 20.50 11.96 -12.13
N GLY A 201 19.86 10.91 -12.63
CA GLY A 201 20.19 9.53 -12.28
C GLY A 201 21.60 9.11 -12.63
N VAL A 208 22.28 10.10 2.50
CA VAL A 208 20.87 10.53 2.38
C VAL A 208 19.85 9.38 2.45
N VAL A 209 20.35 8.15 2.33
CA VAL A 209 19.56 6.91 2.37
C VAL A 209 18.63 6.85 3.57
N TYR A 210 19.16 7.18 4.74
CA TYR A 210 18.48 7.07 6.03
C TYR A 210 17.06 7.60 6.03
N PHE A 211 16.84 8.79 5.45
CA PHE A 211 15.50 9.38 5.42
C PHE A 211 14.55 8.58 4.53
N THR A 212 14.99 8.20 3.33
CA THR A 212 14.14 7.42 2.41
C THR A 212 13.69 6.08 3.00
N ALA A 213 14.56 5.43 3.76
CA ALA A 213 14.34 4.11 4.32
C ALA A 213 13.62 4.12 5.69
N THR A 214 13.57 5.25 6.39
CA THR A 214 12.95 5.35 7.72
C THR A 214 11.72 6.25 7.80
N PHE A 215 11.66 7.32 6.99
CA PHE A 215 10.54 8.26 7.00
C PHE A 215 9.18 7.54 6.82
N PRO A 216 9.02 6.57 5.90
CA PRO A 216 7.79 5.77 5.84
C PRO A 216 7.41 5.07 7.15
N TYR A 217 8.39 4.55 7.89
CA TYR A 217 8.10 3.80 9.10
C TYR A 217 7.72 4.68 10.28
N VAL A 218 8.42 5.81 10.47
CA VAL A 218 8.05 6.75 11.53
C VAL A 218 6.69 7.39 11.22
N VAL A 219 6.41 7.67 9.94
CA VAL A 219 5.11 8.23 9.52
C VAL A 219 3.97 7.20 9.67
N LEU A 220 4.18 5.95 9.26
CA LEU A 220 3.17 4.90 9.46
C LEU A 220 2.95 4.65 10.96
N THR A 221 4.01 4.74 11.77
CA THR A 221 3.88 4.53 13.21
C THR A 221 3.05 5.60 13.88
N ILE A 222 3.15 6.86 13.44
CA ILE A 222 2.29 7.95 13.95
C ILE A 222 0.82 7.61 13.69
N LEU A 223 0.48 7.30 12.43
CA LEU A 223 -0.90 6.98 12.07
C LEU A 223 -1.39 5.68 12.69
N PHE A 224 -0.49 4.73 12.97
CA PHE A 224 -0.81 3.48 13.65
C PHE A 224 -1.12 3.75 15.13
N VAL A 225 -0.24 4.46 15.84
CA VAL A 225 -0.49 4.80 17.25
C VAL A 225 -1.76 5.65 17.38
N ARG A 226 -2.06 6.48 16.37
CA ARG A 226 -3.34 7.18 16.33
C ARG A 226 -4.49 6.17 16.13
N GLY A 227 -4.40 5.33 15.10
CA GLY A 227 -5.46 4.39 14.76
C GLY A 227 -5.82 3.44 15.88
N VAL A 228 -4.82 2.94 16.59
CA VAL A 228 -5.01 2.03 17.73
C VAL A 228 -5.82 2.68 18.86
N THR A 229 -5.67 3.97 19.08
CA THR A 229 -6.32 4.63 20.23
C THR A 229 -7.80 5.01 20.01
N LEU A 230 -8.32 4.84 18.80
CA LEU A 230 -9.71 5.15 18.45
C LEU A 230 -10.70 4.06 18.84
N GLU A 231 -11.93 4.45 19.22
CA GLU A 231 -12.96 3.47 19.58
C GLU A 231 -13.33 2.62 18.38
N GLY A 232 -13.49 1.33 18.62
CA GLY A 232 -13.85 0.37 17.57
C GLY A 232 -12.67 -0.11 16.75
N ALA A 233 -11.45 0.40 16.98
CA ALA A 233 -10.27 -0.07 16.26
C ALA A 233 -10.10 -1.59 16.38
N PHE A 234 -10.39 -2.15 17.55
CA PHE A 234 -10.29 -3.59 17.75
C PHE A 234 -11.24 -4.38 16.85
N ASP A 235 -12.36 -3.81 16.42
CA ASP A 235 -13.28 -4.48 15.48
C ASP A 235 -12.63 -4.60 14.10
N GLY A 236 -11.86 -3.58 13.71
CA GLY A 236 -11.15 -3.53 12.44
C GLY A 236 -9.97 -4.47 12.41
N ILE A 237 -9.19 -4.44 13.50
CA ILE A 237 -8.08 -5.35 13.75
C ILE A 237 -8.59 -6.77 13.81
N MET A 238 -9.72 -7.01 14.49
CA MET A 238 -10.30 -8.34 14.59
C MET A 238 -10.74 -8.87 13.23
N TYR A 239 -11.39 -8.04 12.43
CA TYR A 239 -11.79 -8.40 11.07
C TYR A 239 -10.56 -8.65 10.16
N TYR A 240 -9.46 -7.98 10.44
CA TYR A 240 -8.21 -8.15 9.71
C TYR A 240 -7.54 -9.49 10.00
N LEU A 241 -7.42 -9.86 11.29
CA LEU A 241 -6.66 -11.01 11.75
C LEU A 241 -7.42 -12.32 12.00
N THR A 242 -8.71 -12.27 12.38
CA THR A 242 -9.45 -13.53 12.60
C THR A 242 -9.69 -14.18 11.24
N PRO A 243 -9.23 -15.44 11.04
CA PRO A 243 -9.34 -16.06 9.72
C PRO A 243 -10.74 -16.48 9.30
N GLN A 244 -10.94 -16.53 7.99
CA GLN A 244 -12.17 -16.95 7.34
C GLN A 244 -11.88 -18.26 6.58
N TRP A 245 -11.87 -19.38 7.31
CA TRP A 245 -11.66 -20.69 6.68
C TRP A 245 -12.90 -21.14 5.80
N ASP A 246 -13.91 -20.25 5.64
CA ASP A 246 -15.14 -20.47 4.88
C ASP A 246 -15.06 -19.86 3.46
N LYS A 247 -14.25 -18.84 3.27
CA LYS A 247 -14.07 -18.22 1.94
C LYS A 247 -12.92 -18.89 1.10
N ILE A 248 -12.34 -19.95 1.63
CA ILE A 248 -11.10 -20.60 1.18
C ILE A 248 -11.15 -21.27 -0.23
N LEU A 249 -12.31 -21.71 -0.71
CA LEU A 249 -12.39 -22.32 -2.05
C LEU A 249 -12.68 -21.35 -3.20
N GLU A 250 -12.60 -20.03 -2.94
CA GLU A 250 -12.79 -19.04 -4.00
C GLU A 250 -11.48 -18.79 -4.71
N ALA A 251 -11.39 -19.22 -5.97
CA ALA A 251 -10.20 -19.04 -6.78
C ALA A 251 -9.77 -17.59 -6.88
N LYS A 252 -10.73 -16.66 -6.91
CA LYS A 252 -10.45 -15.21 -6.95
C LYS A 252 -9.58 -14.73 -5.78
N VAL A 253 -9.75 -15.31 -4.58
CA VAL A 253 -8.94 -14.93 -3.41
C VAL A 253 -7.48 -15.35 -3.64
N TRP A 254 -7.28 -16.53 -4.21
CA TRP A 254 -5.94 -17.04 -4.48
C TRP A 254 -5.29 -16.35 -5.67
N GLY A 255 -6.07 -15.89 -6.63
CA GLY A 255 -5.59 -15.13 -7.77
C GLY A 255 -5.13 -13.74 -7.35
N ASP A 256 -5.93 -13.07 -6.52
CA ASP A 256 -5.59 -11.74 -5.97
C ASP A 256 -4.35 -11.82 -5.05
N ALA A 257 -4.33 -12.81 -4.15
CA ALA A 257 -3.20 -13.05 -3.26
C ALA A 257 -1.92 -13.36 -4.04
N ALA A 258 -2.02 -14.16 -5.10
CA ALA A 258 -0.87 -14.46 -5.95
C ALA A 258 -0.40 -13.21 -6.67
N SER A 259 -1.34 -12.44 -7.24
CA SER A 259 -0.98 -11.23 -7.97
C SER A 259 -0.27 -10.22 -7.05
N GLN A 260 -0.75 -10.07 -5.82
CA GLN A 260 -0.14 -9.17 -4.83
C GLN A 260 1.23 -9.68 -4.34
N ALA A 261 1.37 -10.98 -4.13
CA ALA A 261 2.64 -11.57 -3.72
C ALA A 261 3.73 -11.40 -4.80
N PHE A 262 3.38 -11.51 -6.08
CA PHE A 262 4.33 -11.32 -7.17
C PHE A 262 4.52 -9.82 -7.48
N TYR A 263 3.44 -9.06 -7.51
CA TYR A 263 3.48 -7.63 -7.81
C TYR A 263 4.30 -6.82 -6.79
N SER A 264 4.03 -7.00 -5.50
CA SER A 264 4.72 -6.22 -4.48
C SER A 264 6.21 -6.52 -4.35
N LEU A 265 6.69 -7.62 -4.95
CA LEU A 265 8.11 -7.96 -5.03
C LEU A 265 8.77 -7.51 -6.36
N GLY A 266 7.96 -7.13 -7.34
CA GLY A 266 8.42 -6.68 -8.64
C GLY A 266 8.60 -7.77 -9.68
N CYS A 267 8.06 -8.96 -9.40
CA CYS A 267 8.14 -10.12 -10.29
C CYS A 267 7.30 -9.89 -11.54
N ALA A 268 7.83 -10.29 -12.68
CA ALA A 268 7.20 -10.18 -14.00
C ALA A 268 6.86 -8.73 -14.45
N TRP A 269 7.47 -7.73 -13.80
CA TRP A 269 7.58 -6.37 -14.33
C TRP A 269 8.94 -6.33 -15.16
N GLY A 270 9.82 -7.33 -15.01
CA GLY A 270 11.09 -7.40 -15.73
C GLY A 270 12.18 -6.47 -15.25
N GLY A 271 11.84 -5.51 -14.42
CA GLY A 271 12.82 -4.60 -13.82
C GLY A 271 13.78 -5.31 -12.90
N LEU A 272 13.34 -6.38 -12.24
CA LEU A 272 14.22 -7.14 -11.35
C LEU A 272 15.43 -7.70 -12.11
N ILE A 273 15.17 -8.43 -13.19
CA ILE A 273 16.22 -9.00 -14.05
C ILE A 273 17.17 -7.91 -14.54
N THR A 274 16.60 -6.83 -15.08
CA THR A 274 17.36 -5.74 -15.67
C THR A 274 18.22 -5.06 -14.61
N MET A 275 17.69 -4.80 -13.42
CA MET A 275 18.49 -4.22 -12.34
C MET A 275 19.57 -5.17 -11.87
N ALA A 276 19.24 -6.46 -11.72
CA ALA A 276 20.21 -7.46 -11.29
C ALA A 276 21.32 -7.66 -12.31
N SER A 277 21.11 -7.31 -13.59
CA SER A 277 22.17 -7.37 -14.60
C SER A 277 23.34 -6.43 -14.28
N TYR A 278 23.10 -5.36 -13.52
CA TYR A 278 24.15 -4.45 -13.07
C TYR A 278 24.84 -4.92 -11.77
N ASN A 279 24.29 -5.95 -11.11
CA ASN A 279 24.80 -6.45 -9.85
C ASN A 279 26.10 -7.25 -10.04
N LYS A 280 26.96 -7.28 -9.01
CA LYS A 280 28.24 -8.01 -9.06
C LYS A 280 27.95 -9.49 -9.29
N PHE A 281 28.75 -10.17 -10.12
CA PHE A 281 28.50 -11.59 -10.42
C PHE A 281 28.45 -12.46 -9.14
N HIS A 282 29.39 -12.24 -8.20
CA HIS A 282 29.40 -13.00 -6.94
C HIS A 282 28.54 -12.39 -5.79
N ASN A 283 27.54 -11.52 -6.10
CA ASN A 283 26.71 -10.96 -5.02
C ASN A 283 25.77 -12.04 -4.48
N ASN A 284 25.42 -11.95 -3.20
CA ASN A 284 24.55 -12.91 -2.56
C ASN A 284 23.09 -12.53 -2.79
N CYS A 285 22.57 -12.87 -3.98
CA CYS A 285 21.17 -12.62 -4.32
C CYS A 285 20.19 -13.51 -3.53
N TYR A 286 20.69 -14.53 -2.79
CA TYR A 286 19.81 -15.29 -1.90
C TYR A 286 19.52 -14.40 -0.68
N ARG A 287 20.58 -13.90 -0.03
CA ARG A 287 20.51 -13.01 1.14
C ARG A 287 19.62 -11.79 0.85
N ASP A 288 19.90 -11.10 -0.25
CA ASP A 288 19.12 -9.93 -0.63
C ASP A 288 17.65 -10.26 -0.93
N SER A 289 17.35 -11.48 -1.39
CA SER A 289 15.95 -11.87 -1.64
C SER A 289 15.19 -12.06 -0.31
N VAL A 290 15.83 -12.67 0.69
CA VAL A 290 15.20 -12.88 1.99
C VAL A 290 14.98 -11.54 2.70
N ILE A 291 16.02 -10.74 2.81
CA ILE A 291 15.93 -9.43 3.48
C ILE A 291 14.86 -8.52 2.86
N ILE A 292 14.84 -8.42 1.54
CA ILE A 292 13.84 -7.57 0.88
C ILE A 292 12.43 -8.13 1.07
N SER A 293 12.23 -9.42 0.80
CA SER A 293 10.90 -10.01 0.85
C SER A 293 10.30 -10.16 2.25
N ILE A 294 11.12 -10.43 3.25
CA ILE A 294 10.63 -10.54 4.62
C ILE A 294 10.24 -9.17 5.15
N THR A 295 11.08 -8.15 4.90
CA THR A 295 10.74 -6.79 5.37
C THR A 295 9.60 -6.18 4.55
N ASN A 296 9.43 -6.61 3.29
CA ASN A 296 8.30 -6.19 2.46
C ASN A 296 7.00 -6.81 3.01
N CYS A 297 7.06 -8.09 3.37
CA CYS A 297 5.91 -8.79 3.95
C CYS A 297 5.42 -8.09 5.21
N ALA A 298 6.34 -7.88 6.17
CA ALA A 298 6.06 -7.19 7.43
C ALA A 298 5.52 -5.78 7.19
N THR A 299 6.09 -5.04 6.24
CA THR A 299 5.64 -3.68 5.91
C THR A 299 4.20 -3.69 5.41
N SER A 300 3.86 -4.69 4.59
CA SER A 300 2.51 -4.82 4.03
C SER A 300 1.51 -5.07 5.14
N VAL A 301 1.85 -6.00 6.03
CA VAL A 301 0.99 -6.32 7.16
C VAL A 301 0.81 -5.10 8.07
N TYR A 302 1.83 -4.26 8.24
CA TYR A 302 1.76 -3.06 9.06
C TYR A 302 0.89 -1.99 8.44
N ALA A 303 1.10 -1.72 7.16
CA ALA A 303 0.31 -0.75 6.40
C ALA A 303 -1.18 -1.15 6.36
N GLY A 304 -1.44 -2.45 6.30
CA GLY A 304 -2.78 -3.01 6.37
C GLY A 304 -3.37 -2.92 7.76
N PHE A 305 -2.55 -3.13 8.78
CA PHE A 305 -2.98 -3.04 10.18
C PHE A 305 -3.56 -1.64 10.48
N VAL A 306 -2.82 -0.60 10.12
CA VAL A 306 -3.25 0.77 10.38
C VAL A 306 -4.54 1.11 9.63
N ILE A 307 -4.65 0.74 8.36
CA ILE A 307 -5.90 0.93 7.60
C ILE A 307 -7.09 0.24 8.27
N PHE A 308 -6.90 -1.00 8.71
CA PHE A 308 -7.99 -1.75 9.36
C PHE A 308 -8.34 -1.18 10.75
N SER A 309 -7.35 -0.69 11.50
CA SER A 309 -7.63 0.00 12.76
C SER A 309 -8.48 1.27 12.52
N ILE A 310 -8.36 1.89 11.33
CA ILE A 310 -9.16 3.06 10.94
C ILE A 310 -10.56 2.64 10.49
N LEU A 311 -10.66 1.55 9.74
CA LEU A 311 -11.96 1.01 9.34
C LEU A 311 -12.80 0.63 10.55
N GLY A 312 -12.16 0.15 11.60
CA GLY A 312 -12.84 -0.17 12.85
C GLY A 312 -13.52 1.03 13.48
N PHE A 313 -12.92 2.23 13.29
CA PHE A 313 -13.46 3.50 13.78
C PHE A 313 -14.59 4.01 12.89
N MET A 314 -14.40 3.96 11.57
CA MET A 314 -15.45 4.35 10.62
C MET A 314 -16.71 3.46 10.80
N ALA A 315 -16.54 2.21 11.19
CA ALA A 315 -17.65 1.28 11.42
C ALA A 315 -18.68 1.74 12.46
N ASN A 316 -18.24 2.12 13.66
CA ASN A 316 -19.13 2.56 14.75
C ASN A 316 -19.52 4.07 14.61
N HIS A 317 -18.72 4.81 13.88
CA HIS A 317 -18.96 6.22 13.55
C HIS A 317 -20.14 6.34 12.54
N LEU A 318 -20.23 5.39 11.59
CA LEU A 318 -21.30 5.29 10.58
C LEU A 318 -22.45 4.34 10.97
N GLY A 319 -22.18 3.39 11.85
CA GLY A 319 -23.19 2.46 12.34
C GLY A 319 -23.39 1.23 11.48
N VAL A 320 -22.30 0.67 10.92
CA VAL A 320 -22.35 -0.51 10.04
C VAL A 320 -21.22 -1.48 10.32
N ASP A 321 -21.40 -2.74 9.92
CA ASP A 321 -20.42 -3.83 9.99
C ASP A 321 -19.14 -3.39 9.24
N VAL A 322 -17.96 -3.65 9.83
CA VAL A 322 -16.65 -3.28 9.28
C VAL A 322 -16.51 -3.75 7.84
N SER A 323 -17.10 -4.90 7.50
CA SER A 323 -17.01 -5.49 6.16
C SER A 323 -17.71 -4.70 5.06
N ARG A 324 -18.46 -3.65 5.37
CA ARG A 324 -19.17 -2.87 4.34
C ARG A 324 -19.05 -1.33 4.49
N VAL A 325 -18.17 -0.88 5.37
CA VAL A 325 -17.86 0.53 5.64
C VAL A 325 -17.33 1.28 4.41
N ALA A 326 -16.40 0.65 3.70
CA ALA A 326 -15.66 1.30 2.63
C ALA A 326 -15.12 0.25 1.66
N ASP A 327 -16.04 -0.51 1.03
CA ASP A 327 -15.64 -1.62 0.14
C ASP A 327 -15.28 -1.15 -1.29
N HIS A 328 -14.26 -0.31 -1.33
CA HIS A 328 -13.74 0.31 -2.54
C HIS A 328 -12.78 -0.65 -3.27
N GLY A 329 -12.00 -0.05 -4.15
CA GLY A 329 -10.82 -0.62 -4.77
C GLY A 329 -9.76 0.44 -4.58
N PRO A 330 -9.12 0.92 -5.65
CA PRO A 330 -8.32 2.15 -5.57
C PRO A 330 -9.14 3.24 -4.91
N GLY A 331 -8.55 3.98 -4.00
CA GLY A 331 -9.26 4.99 -3.24
C GLY A 331 -9.39 4.69 -1.77
N LEU A 332 -9.26 3.43 -1.33
CA LEU A 332 -9.31 3.13 0.11
C LEU A 332 -8.26 3.94 0.91
N ALA A 333 -7.03 3.98 0.43
CA ALA A 333 -5.97 4.79 1.03
C ALA A 333 -6.22 6.32 0.94
N PHE A 334 -7.18 6.75 0.12
CA PHE A 334 -7.57 8.16 -0.04
C PHE A 334 -8.92 8.51 0.64
N VAL A 335 -9.56 7.52 1.23
CA VAL A 335 -10.72 7.64 2.09
C VAL A 335 -10.24 7.47 3.55
N ALA A 336 -9.46 6.41 3.82
CA ALA A 336 -9.05 5.97 5.14
C ALA A 336 -7.90 6.77 5.78
N TYR A 337 -6.74 6.92 5.12
CA TYR A 337 -5.63 7.69 5.72
C TYR A 337 -6.07 9.17 5.93
N PRO A 338 -6.65 9.86 4.93
CA PRO A 338 -7.28 11.17 5.19
C PRO A 338 -8.22 11.22 6.40
N GLU A 339 -9.07 10.21 6.62
CA GLU A 339 -9.99 10.20 7.76
C GLU A 339 -9.22 10.25 9.07
N ALA A 340 -8.18 9.45 9.19
CA ALA A 340 -7.33 9.40 10.38
C ALA A 340 -6.55 10.68 10.63
N LEU A 341 -6.04 11.31 9.57
CA LEU A 341 -5.27 12.55 9.70
C LEU A 341 -6.06 13.65 10.41
N THR A 342 -7.38 13.74 10.20
CA THR A 342 -8.23 14.75 10.87
C THR A 342 -8.35 14.57 12.38
N LEU A 343 -7.95 13.40 12.90
CA LEU A 343 -7.92 13.11 14.33
C LEU A 343 -6.52 13.27 14.95
N LEU A 344 -5.54 13.78 14.20
CA LEU A 344 -4.21 14.10 14.71
C LEU A 344 -4.15 15.59 15.10
N PRO A 345 -3.44 15.96 16.18
CA PRO A 345 -3.18 17.39 16.46
C PRO A 345 -2.26 18.00 15.40
N ILE A 346 -2.38 19.31 15.14
CA ILE A 346 -1.67 20.06 14.07
C ILE A 346 -1.91 19.32 12.71
N SER A 347 -3.12 18.84 12.52
CA SER A 347 -3.52 17.93 11.46
C SER A 347 -2.92 18.19 10.02
N PRO A 348 -2.91 19.44 9.46
CA PRO A 348 -2.34 19.65 8.14
C PRO A 348 -0.83 19.45 8.02
N LEU A 349 -0.07 19.58 9.11
CA LEU A 349 1.37 19.33 9.06
C LEU A 349 1.63 17.85 8.72
N TRP A 350 0.99 16.96 9.47
CA TRP A 350 1.08 15.53 9.24
C TRP A 350 0.49 15.11 7.90
N SER A 351 -0.50 15.84 7.37
CA SER A 351 -1.04 15.54 6.05
C SER A 351 0.01 15.88 4.98
N LEU A 352 0.68 17.01 5.10
CA LEU A 352 1.75 17.37 4.16
C LEU A 352 2.91 16.35 4.21
N LEU A 353 3.31 15.94 5.42
CA LEU A 353 4.36 14.94 5.58
C LEU A 353 3.94 13.54 5.10
N PHE A 354 2.69 13.17 5.31
CA PHE A 354 2.15 11.90 4.88
C PHE A 354 2.05 11.80 3.35
N PHE A 355 1.48 12.80 2.70
CA PHE A 355 1.38 12.75 1.24
C PHE A 355 2.75 13.00 0.57
N PHE A 356 3.69 13.70 1.22
CA PHE A 356 5.06 13.80 0.70
C PHE A 356 5.75 12.43 0.78
N MET A 357 5.46 11.65 1.82
CA MET A 357 5.96 10.28 1.96
C MET A 357 5.40 9.40 0.82
N LEU A 358 4.10 9.50 0.53
CA LEU A 358 3.52 8.75 -0.59
C LEU A 358 4.13 9.15 -1.94
N ILE A 359 4.36 10.44 -2.13
CA ILE A 359 4.98 10.95 -3.38
C ILE A 359 6.39 10.37 -3.57
N LEU A 360 7.25 10.50 -2.55
CA LEU A 360 8.62 10.02 -2.65
C LEU A 360 8.70 8.47 -2.63
N LEU A 361 7.66 7.77 -2.13
CA LEU A 361 7.55 6.31 -2.29
C LEU A 361 7.18 5.94 -3.75
N GLY A 362 6.23 6.65 -4.34
CA GLY A 362 5.76 6.39 -5.70
C GLY A 362 6.76 6.72 -6.77
N LEU A 363 7.29 7.94 -6.74
CA LEU A 363 8.27 8.41 -7.72
C LEU A 363 9.53 7.52 -7.76
N GLY A 364 9.90 6.95 -6.62
CA GLY A 364 11.05 6.05 -6.54
C GLY A 364 10.86 4.76 -7.32
N THR A 365 9.62 4.27 -7.44
CA THR A 365 9.31 3.05 -8.23
C THR A 365 9.15 3.42 -9.69
N GLN A 366 8.56 4.59 -10.00
CA GLN A 366 8.49 5.05 -11.40
C GLN A 366 9.90 5.24 -11.96
N PHE A 367 10.79 5.80 -11.16
CA PHE A 367 12.19 5.96 -11.57
C PHE A 367 12.84 4.60 -11.93
N CYS A 368 12.70 3.58 -11.08
CA CYS A 368 13.25 2.24 -11.34
C CYS A 368 12.54 1.52 -12.49
N LEU A 369 11.26 1.79 -12.70
CA LEU A 369 10.47 1.20 -13.78
C LEU A 369 10.86 1.78 -15.14
N LEU A 370 11.02 3.08 -15.20
CA LEU A 370 11.34 3.78 -16.43
C LEU A 370 12.83 3.72 -16.77
N GLU A 371 13.70 3.64 -15.76
CA GLU A 371 15.13 3.34 -15.95
C GLU A 371 15.21 1.97 -16.68
N THR A 372 14.42 0.98 -16.22
CA THR A 372 14.35 -0.35 -16.81
C THR A 372 13.80 -0.32 -18.22
N LEU A 373 12.62 0.26 -18.40
CA LEU A 373 11.91 0.22 -19.66
C LEU A 373 12.74 0.78 -20.81
N VAL A 374 13.38 1.91 -20.59
CA VAL A 374 14.27 2.54 -21.56
C VAL A 374 15.51 1.67 -21.82
N THR A 375 16.13 1.14 -20.76
CA THR A 375 17.33 0.30 -20.89
C THR A 375 17.10 -0.91 -21.79
N ALA A 376 15.97 -1.61 -21.59
CA ALA A 376 15.63 -2.79 -22.37
C ALA A 376 15.31 -2.47 -23.84
N ILE A 377 14.66 -1.33 -24.09
CA ILE A 377 14.35 -0.86 -25.44
C ILE A 377 15.63 -0.45 -26.20
N VAL A 378 16.63 0.04 -25.48
CA VAL A 378 17.96 0.36 -26.04
C VAL A 378 18.74 -0.96 -26.35
N ASP A 379 18.79 -1.90 -25.39
CA ASP A 379 19.49 -3.19 -25.59
C ASP A 379 18.98 -3.99 -26.81
N GLU A 380 17.72 -3.81 -27.15
CA GLU A 380 17.06 -4.44 -28.30
C GLU A 380 17.52 -3.91 -29.69
N VAL A 381 18.12 -2.72 -29.73
CA VAL A 381 18.37 -2.01 -31.00
C VAL A 381 19.86 -1.67 -31.30
N GLY A 382 20.16 -1.38 -32.59
CA GLY A 382 21.46 -0.99 -33.11
C GLY A 382 22.06 0.16 -32.32
N ASN A 383 23.20 -0.10 -31.72
CA ASN A 383 23.85 0.62 -30.62
C ASN A 383 23.97 2.19 -30.68
N GLU A 384 24.67 2.75 -31.65
CA GLU A 384 25.06 4.17 -31.59
C GLU A 384 23.90 5.18 -31.66
N TRP A 385 23.10 5.14 -32.74
CA TRP A 385 22.00 6.10 -32.92
C TRP A 385 20.94 5.99 -31.80
N ILE A 386 20.59 4.78 -31.35
CA ILE A 386 19.62 4.64 -30.25
C ILE A 386 20.20 5.21 -28.93
N LEU A 387 21.53 5.16 -28.72
CA LEU A 387 22.16 5.74 -27.53
C LEU A 387 22.24 7.26 -27.63
N GLN A 388 22.44 7.80 -28.82
CA GLN A 388 22.31 9.24 -29.06
C GLN A 388 20.83 9.67 -28.76
N LYS A 389 19.88 8.78 -29.08
CA LYS A 389 18.47 8.98 -28.81
C LYS A 389 18.06 8.76 -27.33
N LYS A 390 18.97 8.32 -26.43
CA LYS A 390 18.65 8.02 -25.01
C LYS A 390 17.71 9.03 -24.33
N THR A 391 18.01 10.32 -24.42
CA THR A 391 17.16 11.33 -23.81
C THR A 391 15.83 11.40 -24.56
N TYR A 392 15.88 11.49 -25.89
CA TYR A 392 14.68 11.60 -26.72
C TYR A 392 13.72 10.41 -26.55
N VAL A 393 14.23 9.19 -26.31
CA VAL A 393 13.39 8.00 -26.09
C VAL A 393 12.80 8.01 -24.68
N THR A 394 13.56 8.48 -23.68
CA THR A 394 13.03 8.63 -22.32
C THR A 394 11.92 9.68 -22.33
N LEU A 395 12.13 10.77 -23.07
CA LEU A 395 11.15 11.83 -23.26
C LEU A 395 9.93 11.25 -23.97
N GLY A 396 10.14 10.46 -25.02
CA GLY A 396 9.06 9.82 -25.75
C GLY A 396 8.21 8.90 -24.90
N VAL A 397 8.83 8.21 -23.96
CA VAL A 397 8.12 7.36 -23.00
C VAL A 397 7.29 8.24 -22.04
N ALA A 398 7.88 9.32 -21.49
CA ALA A 398 7.15 10.20 -20.56
C ALA A 398 6.01 10.98 -21.24
N VAL A 399 6.19 11.34 -22.52
CA VAL A 399 5.14 11.99 -23.31
C VAL A 399 4.02 10.95 -23.50
N ALA A 400 4.36 9.76 -24.03
CA ALA A 400 3.37 8.70 -24.24
C ALA A 400 2.69 8.21 -22.94
N GLY A 401 3.38 8.32 -21.83
CA GLY A 401 2.84 7.97 -20.52
C GLY A 401 1.86 8.99 -19.97
N PHE A 402 2.02 10.27 -20.38
CA PHE A 402 1.09 11.34 -20.03
C PHE A 402 -0.15 11.19 -20.91
N LEU A 403 0.05 11.02 -22.23
CA LEU A 403 -1.06 10.85 -23.16
C LEU A 403 -1.96 9.68 -22.76
N LEU A 404 -1.39 8.51 -22.54
CA LEU A 404 -2.19 7.33 -22.14
C LEU A 404 -2.82 7.43 -20.71
N GLY A 405 -2.44 8.45 -19.95
CA GLY A 405 -2.96 8.69 -18.61
C GLY A 405 -4.20 9.58 -18.58
N ILE A 406 -4.41 10.38 -19.63
CA ILE A 406 -5.54 11.32 -19.72
C ILE A 406 -6.91 10.71 -19.34
N PRO A 407 -7.34 9.55 -19.88
CA PRO A 407 -8.64 8.98 -19.49
C PRO A 407 -8.75 8.60 -18.03
N LEU A 408 -7.63 8.31 -17.38
CA LEU A 408 -7.63 8.02 -15.95
C LEU A 408 -7.82 9.29 -15.10
N THR A 409 -7.64 10.49 -15.70
CA THR A 409 -7.98 11.77 -15.07
C THR A 409 -9.44 12.17 -15.45
N SER A 410 -10.13 11.38 -16.31
CA SER A 410 -11.49 11.69 -16.71
C SER A 410 -12.48 11.39 -15.58
N GLN A 411 -13.72 11.75 -15.80
CA GLN A 411 -14.77 11.60 -14.81
C GLN A 411 -15.14 10.11 -14.51
N ALA A 412 -14.65 9.18 -15.35
CA ALA A 412 -14.76 7.72 -15.24
C ALA A 412 -13.42 7.06 -14.81
N GLY A 413 -12.40 7.87 -14.50
CA GLY A 413 -11.04 7.43 -14.31
C GLY A 413 -10.78 6.19 -13.49
N ILE A 414 -11.26 6.14 -12.24
CA ILE A 414 -10.97 5.00 -11.39
C ILE A 414 -11.64 3.73 -11.80
N TYR A 415 -12.67 3.78 -12.65
CA TYR A 415 -13.26 2.53 -13.16
C TYR A 415 -12.21 1.81 -14.03
N TRP A 416 -11.45 2.59 -14.82
CA TRP A 416 -10.37 2.08 -15.65
C TRP A 416 -9.14 1.78 -14.81
N LEU A 417 -8.86 2.58 -13.78
CA LEU A 417 -7.74 2.32 -12.87
C LEU A 417 -7.88 0.94 -12.20
N LEU A 418 -9.08 0.60 -11.70
CA LEU A 418 -9.32 -0.73 -11.14
C LEU A 418 -9.24 -1.81 -12.22
N LEU A 419 -9.65 -1.53 -13.46
CA LEU A 419 -9.61 -2.51 -14.54
C LEU A 419 -8.15 -2.86 -14.92
N MET A 420 -7.26 -1.84 -14.99
CA MET A 420 -5.83 -2.05 -15.27
C MET A 420 -5.11 -2.76 -14.13
N ASP A 421 -5.44 -2.39 -12.92
CA ASP A 421 -4.80 -2.96 -11.75
C ASP A 421 -5.31 -4.36 -11.39
N ASN A 422 -6.61 -4.61 -11.55
CA ASN A 422 -7.22 -5.90 -11.25
C ASN A 422 -7.10 -6.92 -12.38
N TYR A 423 -6.81 -6.49 -13.62
CA TYR A 423 -6.66 -7.43 -14.73
C TYR A 423 -5.30 -7.35 -15.50
N ALA A 424 -4.96 -6.19 -16.07
CA ALA A 424 -3.72 -6.03 -16.84
C ALA A 424 -2.44 -6.33 -16.03
N ALA A 425 -2.42 -5.85 -14.78
CA ALA A 425 -1.31 -5.96 -13.85
C ALA A 425 -1.56 -6.92 -12.68
N SER A 426 -2.50 -7.87 -12.82
CA SER A 426 -2.77 -8.84 -11.75
C SER A 426 -2.19 -10.22 -12.04
N PHE A 427 -3.02 -11.25 -12.20
CA PHE A 427 -2.57 -12.63 -12.37
C PHE A 427 -1.68 -12.87 -13.60
N SER A 428 -1.68 -11.94 -14.57
CA SER A 428 -0.77 -12.00 -15.72
C SER A 428 0.70 -12.06 -15.26
N LEU A 429 1.04 -11.42 -14.14
CA LEU A 429 2.39 -11.47 -13.57
C LEU A 429 2.77 -12.87 -13.11
N VAL A 430 1.79 -13.61 -12.63
CA VAL A 430 1.96 -14.95 -12.06
C VAL A 430 2.10 -16.00 -13.15
N VAL A 431 1.33 -15.88 -14.22
CA VAL A 431 1.43 -16.83 -15.34
C VAL A 431 2.68 -16.58 -16.21
N ILE A 432 3.06 -15.32 -16.43
CA ILE A 432 4.30 -15.01 -17.17
C ILE A 432 5.52 -15.60 -16.42
N SER A 433 5.57 -15.45 -15.09
CA SER A 433 6.69 -15.99 -14.30
C SER A 433 6.61 -17.52 -14.08
N CYS A 434 5.42 -18.08 -14.12
CA CYS A 434 5.26 -19.54 -14.10
C CYS A 434 5.82 -20.11 -15.40
N ILE A 435 5.54 -19.49 -16.54
CA ILE A 435 6.06 -19.94 -17.84
C ILE A 435 7.60 -19.91 -17.84
N MET A 436 8.20 -18.89 -17.25
CA MET A 436 9.64 -18.82 -17.07
C MET A 436 10.12 -19.97 -16.16
N CYS A 437 9.41 -20.22 -15.06
CA CYS A 437 9.79 -21.25 -14.10
C CYS A 437 9.90 -22.61 -14.77
N VAL A 438 8.87 -23.00 -15.52
CA VAL A 438 8.89 -24.26 -16.25
C VAL A 438 9.92 -24.23 -17.39
N ALA A 439 10.03 -23.12 -18.13
CA ALA A 439 11.00 -23.02 -19.22
C ALA A 439 12.45 -23.23 -18.75
N ILE A 440 12.79 -22.70 -17.58
CA ILE A 440 14.13 -22.88 -17.03
C ILE A 440 14.26 -24.26 -16.39
N MET A 441 13.30 -24.67 -15.56
CA MET A 441 13.40 -25.96 -14.86
C MET A 441 13.31 -27.18 -15.75
N TYR A 442 12.44 -27.16 -16.74
CA TYR A 442 12.19 -28.33 -17.57
C TYR A 442 12.77 -28.29 -18.98
N ILE A 443 12.83 -27.12 -19.64
CA ILE A 443 13.39 -27.05 -21.00
C ILE A 443 14.92 -26.85 -20.94
N TYR A 444 15.38 -25.88 -20.17
CA TYR A 444 16.83 -25.69 -19.97
C TYR A 444 17.37 -26.77 -19.04
N GLY A 445 16.67 -27.02 -17.95
CA GLY A 445 16.98 -28.09 -17.02
C GLY A 445 17.44 -27.62 -15.66
N HIS A 446 16.67 -27.92 -14.62
CA HIS A 446 16.97 -27.55 -13.23
C HIS A 446 18.40 -27.91 -12.84
N ARG A 447 18.79 -29.12 -13.20
CA ARG A 447 20.13 -29.67 -13.05
C ARG A 447 21.22 -28.69 -13.53
N ASN A 448 21.02 -28.08 -14.70
CA ASN A 448 21.95 -27.13 -15.29
C ASN A 448 21.88 -25.80 -14.56
N TYR A 449 20.68 -25.38 -14.18
CA TYR A 449 20.43 -24.11 -13.51
C TYR A 449 20.97 -24.04 -12.07
N PHE A 450 20.81 -25.10 -11.29
CA PHE A 450 21.31 -25.13 -9.90
C PHE A 450 22.83 -25.04 -9.84
N GLN A 451 23.51 -25.66 -10.81
CA GLN A 451 24.96 -25.56 -10.93
C GLN A 451 25.32 -24.11 -11.26
N ASP A 452 24.57 -23.46 -12.17
CA ASP A 452 24.80 -22.05 -12.54
C ASP A 452 24.67 -21.12 -11.33
N ILE A 453 23.69 -21.39 -10.45
CA ILE A 453 23.56 -20.65 -9.20
C ILE A 453 24.79 -20.93 -8.32
N GLN A 454 25.15 -22.20 -8.17
CA GLN A 454 26.28 -22.61 -7.35
C GLN A 454 27.60 -21.99 -7.83
N MET A 455 27.73 -21.64 -9.11
CA MET A 455 28.93 -20.97 -9.62
C MET A 455 29.15 -19.57 -9.04
N MET A 456 28.10 -18.91 -8.53
CA MET A 456 28.24 -17.54 -8.01
C MET A 456 27.91 -17.39 -6.52
N LEU A 457 27.03 -18.23 -5.99
CA LEU A 457 26.77 -18.25 -4.55
C LEU A 457 27.75 -19.17 -3.80
N GLY A 458 28.31 -20.17 -4.49
CA GLY A 458 29.19 -21.16 -3.86
C GLY A 458 28.46 -22.30 -3.18
N PHE A 459 27.16 -22.11 -2.91
CA PHE A 459 26.29 -23.11 -2.32
C PHE A 459 25.04 -23.28 -3.19
N PRO A 460 24.49 -24.49 -3.24
CA PRO A 460 23.29 -24.70 -4.05
C PRO A 460 22.07 -24.04 -3.43
N PRO A 461 20.97 -23.84 -4.21
CA PRO A 461 19.74 -23.32 -3.62
C PRO A 461 19.25 -24.20 -2.47
N PRO A 462 18.69 -23.62 -1.39
CA PRO A 462 18.08 -24.46 -0.35
C PRO A 462 17.03 -25.39 -0.96
N LEU A 463 16.95 -26.62 -0.45
CA LEU A 463 16.02 -27.62 -0.98
C LEU A 463 14.59 -27.11 -1.10
N PHE A 464 14.21 -26.16 -0.23
CA PHE A 464 12.91 -25.50 -0.27
C PHE A 464 12.64 -24.88 -1.65
N PHE A 465 13.62 -24.16 -2.20
CA PHE A 465 13.46 -23.55 -3.53
C PHE A 465 13.50 -24.60 -4.63
N GLN A 466 14.22 -25.69 -4.43
CA GLN A 466 14.32 -26.75 -5.42
C GLN A 466 12.96 -27.46 -5.58
N ILE A 467 12.28 -27.79 -4.48
CA ILE A 467 10.94 -28.40 -4.55
C ILE A 467 9.89 -27.40 -5.02
N CYS A 468 10.03 -26.13 -4.61
CA CYS A 468 9.11 -25.09 -5.03
C CYS A 468 9.17 -24.78 -6.52
N TRP A 469 10.36 -24.59 -7.08
CA TRP A 469 10.49 -24.30 -8.50
C TRP A 469 10.05 -25.49 -9.36
N ARG A 470 10.50 -26.69 -9.01
CA ARG A 470 10.22 -27.88 -9.81
C ARG A 470 8.78 -28.39 -9.73
N PHE A 471 8.17 -28.39 -8.54
CA PHE A 471 6.84 -28.98 -8.36
C PHE A 471 5.75 -28.05 -7.79
N VAL A 472 6.02 -27.41 -6.66
CA VAL A 472 4.97 -26.62 -5.98
C VAL A 472 4.45 -25.45 -6.81
N SER A 473 5.33 -24.59 -7.30
CA SER A 473 4.89 -23.36 -7.96
C SER A 473 4.06 -23.61 -9.23
N PRO A 474 4.50 -24.44 -10.18
CA PRO A 474 3.62 -24.78 -11.31
C PRO A 474 2.32 -25.47 -10.86
N ALA A 475 2.34 -26.30 -9.80
CA ALA A 475 1.13 -27.00 -9.34
C ALA A 475 0.09 -26.02 -8.77
N ILE A 476 0.51 -25.16 -7.85
CA ILE A 476 -0.36 -24.16 -7.25
C ILE A 476 -0.87 -23.19 -8.34
N ILE A 477 0.03 -22.64 -9.13
CA ILE A 477 -0.35 -21.68 -10.18
C ILE A 477 -1.30 -22.29 -11.21
N PHE A 478 -1.04 -23.54 -11.62
CA PHE A 478 -1.88 -24.20 -12.60
C PHE A 478 -3.32 -24.34 -12.10
N PHE A 479 -3.51 -24.76 -10.85
CA PHE A 479 -4.86 -24.95 -10.32
C PHE A 479 -5.57 -23.62 -9.99
N ILE A 480 -4.84 -22.58 -9.58
CA ILE A 480 -5.44 -21.25 -9.40
C ILE A 480 -5.89 -20.72 -10.77
N LEU A 481 -5.10 -20.98 -11.82
CA LEU A 481 -5.46 -20.59 -13.17
C LEU A 481 -6.73 -21.33 -13.64
N VAL A 482 -6.78 -22.65 -13.45
CA VAL A 482 -7.94 -23.46 -13.86
C VAL A 482 -9.22 -23.09 -13.10
N PHE A 483 -9.16 -23.01 -11.78
CA PHE A 483 -10.37 -22.70 -10.99
C PHE A 483 -10.80 -21.24 -11.15
N THR A 484 -9.89 -20.31 -11.49
CA THR A 484 -10.27 -18.91 -11.76
C THR A 484 -11.13 -18.89 -13.03
N VAL A 485 -10.73 -19.65 -14.07
CA VAL A 485 -11.50 -19.75 -15.33
C VAL A 485 -12.90 -20.36 -15.08
N ILE A 486 -12.99 -21.36 -14.22
CA ILE A 486 -14.27 -22.01 -13.87
C ILE A 486 -15.18 -21.06 -13.06
N GLN A 487 -14.64 -20.44 -12.02
CA GLN A 487 -15.40 -19.64 -11.07
C GLN A 487 -15.53 -18.13 -11.35
N TYR A 488 -15.06 -17.61 -12.51
CA TYR A 488 -15.06 -16.16 -12.71
C TYR A 488 -16.47 -15.49 -12.67
N GLN A 489 -16.47 -14.33 -12.02
CA GLN A 489 -17.61 -13.47 -11.78
C GLN A 489 -17.29 -12.09 -12.34
N PRO A 490 -18.31 -11.30 -12.71
CA PRO A 490 -18.03 -9.95 -13.23
C PRO A 490 -17.49 -9.06 -12.12
N ILE A 491 -16.49 -8.27 -12.46
CA ILE A 491 -15.84 -7.33 -11.56
C ILE A 491 -16.80 -6.23 -11.09
N THR A 492 -16.67 -5.81 -9.82
CA THR A 492 -17.48 -4.74 -9.25
C THR A 492 -16.62 -3.75 -8.45
N TYR A 493 -16.81 -2.45 -8.66
CA TYR A 493 -16.19 -1.43 -7.82
C TYR A 493 -17.31 -1.00 -6.90
N ASN A 494 -17.29 -1.43 -5.63
CA ASN A 494 -18.25 -0.99 -4.63
C ASN A 494 -19.71 -0.95 -5.13
N HIS A 495 -20.21 -2.10 -5.51
CA HIS A 495 -21.55 -2.36 -6.04
C HIS A 495 -21.90 -1.67 -7.41
N TYR A 496 -20.94 -1.07 -8.11
CA TYR A 496 -21.13 -0.75 -9.54
C TYR A 496 -20.66 -2.03 -10.21
N GLN A 497 -21.55 -2.71 -10.92
CA GLN A 497 -21.20 -3.93 -11.64
C GLN A 497 -20.77 -3.58 -13.04
N TYR A 498 -19.57 -4.01 -13.45
CA TYR A 498 -19.04 -3.64 -14.75
C TYR A 498 -19.81 -4.29 -15.92
N PRO A 499 -19.93 -3.59 -17.04
CA PRO A 499 -20.69 -4.10 -18.18
C PRO A 499 -19.88 -5.09 -19.02
N GLY A 500 -20.59 -5.82 -19.86
CA GLY A 500 -20.00 -6.84 -20.72
C GLY A 500 -18.78 -6.43 -21.53
N TRP A 501 -18.81 -5.25 -22.15
CA TRP A 501 -17.66 -4.78 -22.94
C TRP A 501 -16.43 -4.49 -22.08
N ALA A 502 -16.64 -4.02 -20.86
CA ALA A 502 -15.55 -3.58 -20.01
C ALA A 502 -14.75 -4.78 -19.51
N VAL A 503 -15.45 -5.85 -19.09
CA VAL A 503 -14.75 -7.07 -18.65
C VAL A 503 -14.05 -7.76 -19.84
N ALA A 504 -14.57 -7.60 -21.05
CA ALA A 504 -13.91 -8.11 -22.25
C ALA A 504 -12.60 -7.37 -22.50
N ILE A 505 -12.57 -6.04 -22.28
CA ILE A 505 -11.32 -5.26 -22.39
C ILE A 505 -10.35 -5.70 -21.27
N GLY A 506 -10.87 -5.97 -20.09
CA GLY A 506 -10.08 -6.51 -18.97
C GLY A 506 -9.32 -7.75 -19.35
N PHE A 507 -9.99 -8.71 -20.00
CA PHE A 507 -9.33 -9.93 -20.48
C PHE A 507 -8.31 -9.61 -21.57
N LEU A 508 -8.64 -8.72 -22.52
CA LEU A 508 -7.69 -8.36 -23.57
C LEU A 508 -6.42 -7.73 -23.00
N MET A 509 -6.52 -6.83 -22.02
CA MET A 509 -5.33 -6.25 -21.40
C MET A 509 -4.54 -7.32 -20.67
N ALA A 510 -5.26 -8.22 -19.97
CA ALA A 510 -4.66 -9.30 -19.19
C ALA A 510 -3.84 -10.28 -20.04
N LEU A 511 -4.35 -10.67 -21.21
CA LEU A 511 -3.66 -11.61 -22.09
C LEU A 511 -2.87 -10.93 -23.21
N SER A 512 -2.94 -9.60 -23.36
CA SER A 512 -2.10 -8.84 -24.28
C SER A 512 -0.60 -9.09 -23.98
N SER A 513 -0.26 -9.19 -22.69
CA SER A 513 1.09 -9.48 -22.21
C SER A 513 1.44 -10.98 -22.21
N VAL A 514 0.44 -11.87 -22.16
CA VAL A 514 0.71 -13.32 -22.14
C VAL A 514 0.86 -13.85 -23.56
N LEU A 515 -0.04 -13.50 -24.48
CA LEU A 515 0.08 -13.95 -25.87
C LEU A 515 1.38 -13.57 -26.54
N CYS A 516 2.14 -12.63 -25.96
CA CYS A 516 3.48 -12.27 -26.44
C CYS A 516 4.41 -13.51 -26.50
N ILE A 517 4.18 -14.47 -25.60
CA ILE A 517 4.94 -15.70 -25.51
C ILE A 517 4.69 -16.58 -26.78
N PRO A 518 3.46 -17.11 -27.02
CA PRO A 518 3.24 -17.88 -28.25
C PRO A 518 3.47 -17.06 -29.51
N LEU A 519 3.14 -15.76 -29.55
CA LEU A 519 3.39 -14.95 -30.76
C LEU A 519 4.88 -14.93 -31.15
N TYR A 520 5.79 -14.79 -30.17
CA TYR A 520 7.21 -14.84 -30.50
C TYR A 520 7.66 -16.27 -30.84
N ALA A 521 7.02 -17.28 -30.24
CA ALA A 521 7.32 -18.67 -30.57
C ALA A 521 6.99 -18.97 -32.03
N MET A 522 5.85 -18.47 -32.54
CA MET A 522 5.52 -18.64 -33.98
C MET A 522 6.58 -17.93 -34.83
N PHE A 523 6.93 -16.69 -34.46
CA PHE A 523 7.91 -15.90 -35.20
C PHE A 523 9.29 -16.58 -35.28
N ARG A 524 9.80 -17.12 -34.17
CA ARG A 524 11.08 -17.86 -34.20
C ARG A 524 10.95 -19.19 -34.95
N LEU A 525 9.89 -19.96 -34.70
CA LEU A 525 9.71 -21.20 -35.45
C LEU A 525 9.51 -20.95 -36.97
N ALA A 526 9.31 -19.70 -37.39
CA ALA A 526 9.33 -19.32 -38.81
C ALA A 526 10.77 -18.94 -39.22
N ARG A 527 11.46 -18.14 -38.41
CA ARG A 527 12.82 -17.64 -38.65
C ARG A 527 13.93 -18.71 -38.56
N THR A 528 13.80 -19.71 -37.67
CA THR A 528 14.86 -20.69 -37.40
C THR A 528 15.08 -21.75 -38.52
N ASP A 529 16.31 -22.28 -38.51
CA ASP A 529 16.75 -23.31 -39.44
C ASP A 529 16.27 -24.68 -38.96
N GLY A 530 16.01 -25.56 -39.91
CA GLY A 530 15.53 -26.91 -39.67
C GLY A 530 14.68 -27.44 -40.80
N ASP A 531 13.57 -26.75 -41.09
CA ASP A 531 12.56 -27.15 -42.09
C ASP A 531 12.11 -28.63 -41.88
N THR A 532 11.86 -28.96 -40.61
CA THR A 532 11.32 -30.24 -40.13
C THR A 532 10.35 -29.95 -38.95
N LEU A 533 9.56 -30.97 -38.57
CA LEU A 533 8.51 -30.86 -37.55
C LEU A 533 8.95 -30.40 -36.14
N LEU A 534 9.95 -31.07 -35.59
CA LEU A 534 10.32 -30.93 -34.17
C LEU A 534 11.76 -30.53 -33.94
N GLN A 535 12.69 -30.98 -34.78
CA GLN A 535 14.11 -30.60 -34.62
C GLN A 535 14.31 -29.09 -34.72
N ARG A 536 13.41 -28.35 -35.40
CA ARG A 536 13.47 -26.88 -35.40
C ARG A 536 13.06 -26.31 -34.02
N LEU A 537 12.14 -26.97 -33.33
CA LEU A 537 11.79 -26.62 -31.96
C LEU A 537 12.99 -26.92 -31.03
N LYS A 538 13.72 -28.02 -31.27
CA LYS A 538 14.93 -28.31 -30.50
C LYS A 538 16.03 -27.28 -30.78
N ASN A 539 16.21 -26.89 -32.04
CA ASN A 539 17.15 -25.83 -32.42
C ASN A 539 16.78 -24.50 -31.75
N ALA A 540 15.47 -24.23 -31.64
CA ALA A 540 14.94 -22.99 -31.07
C ALA A 540 14.93 -22.96 -29.52
N THR A 541 14.90 -24.12 -28.85
CA THR A 541 14.86 -24.19 -27.38
C THR A 541 16.23 -24.32 -26.70
N LYS A 542 17.27 -24.82 -27.39
CA LYS A 542 18.60 -24.95 -26.78
C LYS A 542 19.34 -23.60 -26.71
N PRO A 543 20.25 -23.38 -25.73
CA PRO A 543 20.89 -22.07 -25.59
C PRO A 543 21.70 -21.54 -26.76
N SER A 544 21.80 -20.22 -26.78
CA SER A 544 22.62 -19.49 -27.74
C SER A 544 24.09 -19.72 -27.43
N ARG A 545 24.91 -19.68 -28.48
CA ARG A 545 26.36 -19.77 -28.41
C ARG A 545 26.99 -18.64 -27.56
N ASP A 546 26.30 -17.49 -27.44
CA ASP A 546 26.74 -16.34 -26.64
C ASP A 546 26.25 -16.40 -25.16
N TRP A 547 25.47 -17.43 -24.79
CA TRP A 547 24.92 -17.51 -23.45
C TRP A 547 25.98 -17.88 -22.38
N GLY A 548 25.75 -17.38 -21.16
CA GLY A 548 26.66 -17.44 -20.02
C GLY A 548 27.10 -16.04 -19.61
N PRO A 549 27.99 -15.94 -18.60
CA PRO A 549 28.45 -14.61 -18.13
C PRO A 549 29.49 -13.91 -19.03
N ALA A 550 29.99 -12.75 -18.60
CA ALA A 550 31.03 -12.00 -19.32
C ALA A 550 32.42 -12.71 -19.18
N LEU A 551 33.39 -12.21 -19.95
CA LEU A 551 34.72 -12.69 -20.34
C LEU A 551 35.41 -13.75 -19.42
N LEU A 552 35.63 -13.43 -18.17
CA LEU A 552 36.43 -14.25 -17.25
C LEU A 552 35.74 -15.34 -16.43
N GLU A 553 34.44 -15.25 -16.30
CA GLU A 553 33.68 -16.02 -15.32
C GLU A 553 33.15 -17.39 -15.78
N HIS A 554 33.95 -18.14 -16.57
CA HIS A 554 33.52 -19.42 -17.16
C HIS A 554 34.14 -20.74 -16.64
N ARG A 555 33.30 -21.62 -16.07
CA ARG A 555 33.68 -23.01 -15.78
C ARG A 555 33.46 -23.86 -17.06
N THR A 556 32.52 -23.44 -17.94
CA THR A 556 32.19 -24.09 -19.21
C THR A 556 32.19 -22.98 -20.28
N GLY A 557 33.23 -22.94 -21.11
CA GLY A 557 33.38 -21.96 -22.17
C GLY A 557 34.74 -21.95 -22.82
N GLN B 1 -22.65 25.11 20.90
CA GLN B 1 -23.08 23.71 20.79
C GLN B 1 -22.43 22.83 21.87
N VAL B 2 -21.07 22.76 21.89
CA VAL B 2 -20.33 21.97 22.87
C VAL B 2 -20.59 22.46 24.30
N GLN B 3 -20.83 21.52 25.21
CA GLN B 3 -21.03 21.81 26.63
C GLN B 3 -20.35 20.71 27.46
N LEU B 4 -19.85 21.08 28.65
CA LEU B 4 -19.23 20.17 29.61
C LEU B 4 -19.74 20.58 30.99
N VAL B 5 -20.24 19.60 31.77
CA VAL B 5 -20.87 19.81 33.09
C VAL B 5 -20.36 18.78 34.13
N GLU B 6 -19.47 19.22 35.01
CA GLU B 6 -18.92 18.35 36.06
C GLU B 6 -19.78 18.24 37.29
N SER B 7 -19.66 17.11 38.00
CA SER B 7 -20.30 16.89 39.31
C SER B 7 -19.45 15.91 40.15
N GLY B 8 -19.68 15.88 41.46
CA GLY B 8 -18.95 14.98 42.36
C GLY B 8 -17.95 15.61 43.31
N GLY B 9 -17.88 16.93 43.35
CA GLY B 9 -16.99 17.63 44.27
C GLY B 9 -17.48 17.69 45.71
N GLY B 10 -16.79 18.48 46.51
CA GLY B 10 -17.13 18.76 47.91
C GLY B 10 -16.04 18.52 48.92
N LEU B 11 -16.43 18.56 50.20
CA LEU B 11 -15.56 18.30 51.34
C LEU B 11 -15.35 16.82 51.48
N VAL B 12 -14.12 16.45 51.76
CA VAL B 12 -13.70 15.09 52.05
C VAL B 12 -12.46 15.17 52.97
N GLN B 13 -12.20 14.13 53.73
CA GLN B 13 -11.04 14.10 54.62
C GLN B 13 -9.85 13.55 53.86
N ALA B 14 -8.65 13.80 54.37
CA ALA B 14 -7.43 13.22 53.80
C ALA B 14 -7.52 11.67 53.88
N GLY B 15 -6.96 11.00 52.89
CA GLY B 15 -7.06 9.56 52.76
C GLY B 15 -8.37 9.08 52.14
N GLY B 16 -9.30 10.00 51.88
CA GLY B 16 -10.60 9.69 51.29
C GLY B 16 -10.61 9.50 49.78
N SER B 17 -11.81 9.21 49.26
CA SER B 17 -12.07 8.98 47.85
C SER B 17 -13.24 9.81 47.35
N LEU B 18 -13.14 10.25 46.11
CA LEU B 18 -14.22 10.92 45.37
C LEU B 18 -14.13 10.47 43.93
N ARG B 19 -15.27 10.47 43.24
CA ARG B 19 -15.28 10.21 41.82
C ARG B 19 -15.96 11.40 41.21
N LEU B 20 -15.23 12.14 40.39
CA LEU B 20 -15.78 13.28 39.66
C LEU B 20 -16.27 12.77 38.32
N SER B 21 -17.43 13.22 37.91
CA SER B 21 -18.00 12.91 36.60
C SER B 21 -17.99 14.17 35.79
N CYS B 22 -17.82 14.03 34.50
CA CYS B 22 -18.01 15.11 33.56
C CYS B 22 -18.98 14.62 32.49
N ALA B 23 -20.11 15.31 32.34
CA ALA B 23 -21.11 15.01 31.34
C ALA B 23 -20.92 15.95 30.14
N ALA B 24 -20.66 15.37 28.99
CA ALA B 24 -20.37 16.06 27.76
C ALA B 24 -21.52 15.98 26.76
N SER B 25 -21.76 17.05 26.03
CA SER B 25 -22.84 17.09 25.04
C SER B 25 -22.58 18.14 23.95
N GLY B 26 -23.25 17.99 22.83
CA GLY B 26 -23.11 18.85 21.67
C GLY B 26 -22.09 18.39 20.64
N PHE B 27 -21.59 17.15 20.75
CA PHE B 27 -20.58 16.65 19.81
C PHE B 27 -20.41 15.12 19.87
N PRO B 28 -19.82 14.51 18.80
CA PRO B 28 -19.49 13.07 18.83
C PRO B 28 -18.26 12.82 19.71
N VAL B 29 -18.45 12.86 21.03
CA VAL B 29 -17.38 12.75 22.03
C VAL B 29 -16.50 11.49 21.90
N TYR B 30 -17.04 10.40 21.37
CA TYR B 30 -16.26 9.18 21.14
C TYR B 30 -15.04 9.41 20.24
N ALA B 31 -15.03 10.46 19.41
CA ALA B 31 -13.91 10.78 18.53
C ALA B 31 -12.78 11.57 19.22
N TYR B 32 -13.00 12.02 20.46
CA TYR B 32 -12.09 12.90 21.16
C TYR B 32 -11.41 12.34 22.38
N GLU B 33 -10.15 12.73 22.55
CA GLU B 33 -9.40 12.53 23.78
C GLU B 33 -10.00 13.53 24.76
N MET B 34 -10.11 13.15 26.02
CA MET B 34 -10.69 13.97 27.08
C MET B 34 -9.66 14.19 28.14
N TYR B 35 -9.67 15.37 28.76
CA TYR B 35 -8.65 15.80 29.71
C TYR B 35 -9.23 16.29 31.01
N TRP B 36 -8.44 16.21 32.09
CA TRP B 36 -8.80 16.81 33.39
C TRP B 36 -7.66 17.69 33.85
N TYR B 37 -8.04 18.82 34.41
CA TYR B 37 -7.17 19.86 34.93
C TYR B 37 -7.67 20.28 36.32
N ARG B 38 -6.83 20.93 37.11
CA ARG B 38 -7.23 21.46 38.40
C ARG B 38 -6.60 22.82 38.66
N GLN B 39 -7.33 23.69 39.31
CA GLN B 39 -6.85 25.01 39.65
C GLN B 39 -6.86 25.14 41.14
N ALA B 40 -5.69 24.98 41.74
CA ALA B 40 -5.52 25.11 43.19
C ALA B 40 -5.56 26.61 43.61
N PRO B 41 -6.07 26.95 44.81
CA PRO B 41 -6.20 28.36 45.19
C PRO B 41 -4.84 29.07 45.29
N GLY B 42 -4.73 30.18 44.57
CA GLY B 42 -3.50 30.94 44.50
C GLY B 42 -2.47 30.38 43.52
N LYS B 43 -2.85 29.32 42.77
CA LYS B 43 -1.99 28.62 41.82
C LYS B 43 -2.59 28.60 40.41
N GLU B 44 -1.72 28.47 39.41
CA GLU B 44 -2.10 28.48 38.00
C GLU B 44 -2.79 27.14 37.60
N ARG B 45 -3.64 27.17 36.55
CA ARG B 45 -4.41 25.99 36.13
C ARG B 45 -3.44 24.91 35.67
N GLU B 46 -3.49 23.77 36.35
CA GLU B 46 -2.58 22.65 36.25
C GLU B 46 -3.22 21.44 35.57
N TRP B 47 -2.45 20.67 34.80
CA TRP B 47 -2.95 19.45 34.16
C TRP B 47 -2.96 18.28 35.16
N VAL B 48 -3.92 17.36 35.03
CA VAL B 48 -4.02 16.20 35.92
C VAL B 48 -4.03 14.89 35.14
N ALA B 49 -4.87 14.77 34.10
CA ALA B 49 -5.02 13.51 33.37
C ALA B 49 -5.52 13.67 31.91
N ALA B 50 -5.36 12.61 31.09
CA ALA B 50 -5.90 12.49 29.74
C ALA B 50 -6.26 11.02 29.43
N ILE B 51 -7.27 10.82 28.59
CA ILE B 51 -7.77 9.48 28.19
C ILE B 51 -8.03 9.41 26.67
N SER B 52 -7.55 8.34 26.05
CA SER B 52 -7.77 8.05 24.63
C SER B 52 -9.24 8.01 24.28
N SER B 53 -9.58 8.14 23.00
CA SER B 53 -10.92 7.92 22.46
C SER B 53 -11.55 6.59 22.99
N SER B 54 -10.82 5.47 22.92
CA SER B 54 -11.32 4.18 23.41
C SER B 54 -10.93 3.84 24.85
N GLY B 55 -10.10 4.63 25.48
CA GLY B 55 -9.57 4.31 26.80
C GLY B 55 -8.43 3.31 26.81
N THR B 56 -7.76 3.07 25.66
CA THR B 56 -6.58 2.20 25.57
C THR B 56 -5.40 2.83 26.33
N TRP B 57 -5.01 4.08 25.96
CA TRP B 57 -3.93 4.83 26.63
C TRP B 57 -4.58 5.87 27.53
N ALA B 58 -4.06 5.97 28.73
CA ALA B 58 -4.48 6.93 29.73
C ALA B 58 -3.20 7.49 30.34
N GLY B 59 -3.13 8.81 30.46
CA GLY B 59 -1.93 9.51 30.93
C GLY B 59 -2.20 10.42 32.09
N TYR B 60 -1.21 10.57 32.99
CA TYR B 60 -1.38 11.29 34.25
C TYR B 60 -0.22 12.23 34.54
N ALA B 61 -0.47 13.23 35.38
CA ALA B 61 0.55 14.12 35.89
C ALA B 61 1.42 13.34 36.90
N ASP B 62 2.71 13.63 36.96
CA ASP B 62 3.64 12.90 37.84
C ASP B 62 3.25 12.92 39.33
N SER B 63 2.59 14.00 39.76
CA SER B 63 2.10 14.21 41.14
C SER B 63 0.75 13.52 41.47
N VAL B 64 0.22 12.78 40.50
CA VAL B 64 -1.09 12.09 40.51
C VAL B 64 -0.99 10.60 40.17
N LYS B 65 0.07 10.20 39.44
CA LYS B 65 0.31 8.81 39.00
C LYS B 65 0.08 7.78 40.10
N GLY B 66 -0.77 6.80 39.82
CA GLY B 66 -1.09 5.74 40.76
C GLY B 66 -2.16 6.07 41.78
N ARG B 67 -2.45 7.36 41.99
CA ARG B 67 -3.47 7.80 42.93
C ARG B 67 -4.83 7.95 42.23
N PHE B 68 -4.87 8.65 41.09
CA PHE B 68 -6.13 8.84 40.38
C PHE B 68 -6.20 7.95 39.13
N THR B 69 -7.41 7.50 38.81
CA THR B 69 -7.71 6.63 37.68
C THR B 69 -8.75 7.31 36.82
N ILE B 70 -8.44 7.53 35.55
CA ILE B 70 -9.35 8.16 34.59
C ILE B 70 -9.97 7.07 33.72
N SER B 71 -11.26 7.20 33.46
CA SER B 71 -12.03 6.22 32.68
C SER B 71 -13.18 6.91 31.97
N ARG B 72 -13.80 6.26 30.98
CA ARG B 72 -14.89 6.87 30.22
C ARG B 72 -15.97 5.88 29.77
N ASP B 73 -17.19 6.37 29.63
CA ASP B 73 -18.34 5.58 29.16
C ASP B 73 -19.00 6.35 28.03
N ASN B 74 -18.50 6.12 26.81
CA ASN B 74 -18.89 6.84 25.60
C ASN B 74 -20.35 6.70 25.20
N ALA B 75 -21.07 5.74 25.76
CA ALA B 75 -22.51 5.63 25.55
C ALA B 75 -23.24 6.74 26.37
N LYS B 76 -22.75 7.00 27.60
CA LYS B 76 -23.29 8.06 28.48
C LYS B 76 -22.75 9.46 28.16
N ASN B 77 -21.74 9.55 27.27
CA ASN B 77 -21.01 10.76 26.94
C ASN B 77 -20.40 11.35 28.21
N THR B 78 -19.62 10.54 28.92
CA THR B 78 -18.96 10.97 30.15
C THR B 78 -17.52 10.47 30.24
N VAL B 79 -16.73 11.22 30.99
CA VAL B 79 -15.38 10.88 31.40
C VAL B 79 -15.35 11.12 32.91
N TYR B 80 -14.70 10.22 33.65
CA TYR B 80 -14.63 10.28 35.11
C TYR B 80 -13.21 10.38 35.58
N LEU B 81 -13.02 11.01 36.73
CA LEU B 81 -11.75 11.02 37.41
C LEU B 81 -11.98 10.41 38.78
N GLN B 82 -11.50 9.18 38.97
CA GLN B 82 -11.59 8.47 40.24
C GLN B 82 -10.40 8.90 41.05
N MET B 83 -10.65 9.55 42.18
CA MET B 83 -9.65 10.10 43.07
C MET B 83 -9.57 9.27 44.33
N ASN B 84 -8.40 8.72 44.61
CA ASN B 84 -8.16 7.90 45.80
C ASN B 84 -6.89 8.38 46.47
N SER B 85 -6.73 8.05 47.77
CA SER B 85 -5.57 8.46 48.59
C SER B 85 -5.34 9.97 48.51
N LEU B 86 -6.45 10.70 48.60
CA LEU B 86 -6.49 12.15 48.54
C LEU B 86 -5.67 12.77 49.66
N LYS B 87 -4.97 13.86 49.36
CA LYS B 87 -4.14 14.60 50.30
C LYS B 87 -4.48 16.07 50.24
N PRO B 88 -4.20 16.86 51.29
CA PRO B 88 -4.64 18.26 51.30
C PRO B 88 -4.27 19.08 50.06
N GLU B 89 -3.07 18.86 49.50
CA GLU B 89 -2.65 19.52 48.27
C GLU B 89 -3.51 19.22 47.04
N ASP B 90 -4.39 18.21 47.12
CA ASP B 90 -5.35 17.94 46.04
C ASP B 90 -6.56 18.90 46.06
N THR B 91 -6.63 19.80 47.04
CA THR B 91 -7.69 20.81 47.12
C THR B 91 -7.55 21.76 45.94
N ALA B 92 -8.57 21.78 45.08
CA ALA B 92 -8.60 22.58 43.87
C ALA B 92 -10.00 22.60 43.24
N VAL B 93 -10.24 23.48 42.24
CA VAL B 93 -11.40 23.43 41.38
C VAL B 93 -10.96 22.54 40.23
N TYR B 94 -11.68 21.44 40.02
CA TYR B 94 -11.35 20.49 38.97
C TYR B 94 -12.19 20.82 37.75
N TYR B 95 -11.53 21.00 36.62
CA TYR B 95 -12.16 21.34 35.35
C TYR B 95 -11.98 20.21 34.32
N CYS B 96 -13.07 19.91 33.66
CA CYS B 96 -13.18 18.96 32.57
C CYS B 96 -12.87 19.68 31.27
N ASN B 97 -12.09 19.09 30.38
CA ASN B 97 -11.69 19.75 29.14
C ASN B 97 -11.64 18.85 27.90
N VAL B 98 -11.90 19.44 26.74
CA VAL B 98 -11.76 18.83 25.42
C VAL B 98 -11.14 19.89 24.50
N LYS B 99 -10.18 19.47 23.69
CA LYS B 99 -9.48 20.37 22.77
C LYS B 99 -9.86 19.97 21.37
N ASP B 100 -10.67 20.80 20.70
CA ASP B 100 -11.07 20.50 19.33
C ASP B 100 -10.09 21.16 18.39
N TRP B 101 -9.24 20.34 17.76
CA TRP B 101 -8.28 20.81 16.75
C TRP B 101 -8.97 21.23 15.44
N GLY B 102 -10.20 20.80 15.22
CA GLY B 102 -10.95 21.20 14.05
C GLY B 102 -10.31 20.90 12.72
N ALA B 103 -9.43 19.88 12.67
CA ALA B 103 -8.63 19.51 11.50
C ALA B 103 -7.78 20.71 11.00
N SER B 104 -7.27 21.49 11.96
CA SER B 104 -6.55 22.74 11.74
C SER B 104 -5.23 22.83 12.53
N TRP B 105 -4.50 23.94 12.32
CA TRP B 105 -3.23 24.23 12.99
C TRP B 105 -3.39 24.77 14.43
N ALA B 106 -4.60 24.74 15.01
CA ALA B 106 -4.83 25.27 16.36
C ALA B 106 -6.06 24.61 17.02
N TYR B 107 -6.18 24.71 18.36
CA TYR B 107 -7.29 24.11 19.11
C TYR B 107 -8.04 25.09 19.98
N TYR B 108 -9.32 24.83 20.16
CA TYR B 108 -10.16 25.62 21.06
C TYR B 108 -10.33 24.74 22.27
N ASP B 109 -9.84 25.20 23.42
CA ASP B 109 -10.09 24.48 24.66
C ASP B 109 -11.52 24.85 25.04
N TYR B 110 -12.34 23.85 25.28
CA TYR B 110 -13.67 24.06 25.82
C TYR B 110 -13.56 23.59 27.26
N TRP B 111 -14.05 24.40 28.16
CA TRP B 111 -13.94 24.15 29.59
C TRP B 111 -15.27 23.86 30.25
N GLY B 112 -15.25 22.94 31.19
CA GLY B 112 -16.38 22.69 32.06
C GLY B 112 -16.54 23.83 33.05
N GLN B 113 -17.60 23.74 33.84
CA GLN B 113 -17.98 24.75 34.84
C GLN B 113 -17.05 24.80 36.07
N GLY B 114 -16.29 23.74 36.29
CA GLY B 114 -15.41 23.58 37.44
C GLY B 114 -16.15 23.05 38.64
N THR B 115 -15.64 21.97 39.25
CA THR B 115 -16.19 21.37 40.48
C THR B 115 -15.14 21.40 41.61
N GLN B 116 -15.47 22.06 42.71
CA GLN B 116 -14.55 22.19 43.83
C GLN B 116 -14.35 20.88 44.57
N VAL B 117 -13.10 20.52 44.84
CA VAL B 117 -12.75 19.44 45.75
C VAL B 117 -11.99 20.11 46.91
N THR B 118 -12.36 19.79 48.15
CA THR B 118 -11.70 20.33 49.36
C THR B 118 -11.31 19.18 50.26
N VAL B 119 -10.02 19.01 50.52
CA VAL B 119 -9.50 17.89 51.33
C VAL B 119 -8.97 18.39 52.69
N SER B 120 -9.62 17.98 53.78
CA SER B 120 -9.26 18.38 55.14
C SER B 120 -8.09 17.57 55.70
#